data_5HJP
#
_entry.id   5HJP
#
_cell.length_a   66.770
_cell.length_b   106.028
_cell.length_c   139.818
_cell.angle_alpha   90.000
_cell.angle_beta   90.000
_cell.angle_gamma   90.000
#
_symmetry.space_group_name_H-M   'P 21 21 21'
#
loop_
_entity.id
_entity.type
_entity.pdbx_description
1 polymer 'Retinoic acid receptor RXR-beta'
2 polymer 'Oxysterols receptor LXR-beta'
3 non-polymer "2-chloro-4-{1'-[(2R)-2-hydroxy-3-methyl-2-(trifluoromethyl)butanoyl]-4,4'-bipiperidin-1-yl}-N,N-dimethylbenzamide"
4 non-polymer DI(HYDROXYETHYL)ETHER
5 water water
#
loop_
_entity_poly.entity_id
_entity_poly.type
_entity_poly.pdbx_seq_one_letter_code
_entity_poly.pdbx_strand_id
1 'polypeptide(L)'
;MPVDRILEAELAVEQKSDQGVEGPGGTGGSGSSPNDPVTNICQAADKQLFTLVEWAKRIPHFSSLPLDDQVILLRAGWNE
LLIASFSHRSIDVRDGILLATGLHVHRNSAHSAGVGAIFDRVLTELVSKMRDMRMDKTELGCLRAIILFNPDAKGLSNPS
EVEVLREKVYASLETYCKQKYPEQQGRFAKLLLRLPALRSIGLKCLEHLFFFKLIGDTPIDTFLMEMLEAPHQLAGSGSG
SHKILHRLLQDSSS
;
A,C
2 'polypeptide(L)'
;GVQLTAAQELMIQQLVAAQLQCNKRSFSDQPKVTPWPLGADPASGSASQQRFAHFTELAIISVQEIVDFAKQVPGFLQLG
REDQIALLKASTIEIMLLETARRYNHETECITFLKDFTYSKDDFHRAGLQVEFINPIFEFSRAMRRLGLDDAEYALLIAI
NIFSADRPNVQEPGRVEALQQPYVEALLSYTRIKRPQDQLRFPRMLMKLVSLRTLSSVHSEQVFALRLQDKKLPPLLSEI
WDVHEGSGSGSHKILHRLLQDSSS
;
B,D
#
# COMPACT_ATOMS: atom_id res chain seq x y z
N MET A 1 3.16 28.32 -22.61
CA MET A 1 1.86 28.45 -21.97
C MET A 1 1.88 29.49 -20.81
N PRO A 2 1.85 30.82 -21.10
CA PRO A 2 1.89 31.79 -20.00
C PRO A 2 0.52 32.02 -19.34
N VAL A 3 0.50 31.90 -17.99
CA VAL A 3 -0.67 32.06 -17.11
C VAL A 3 -1.32 33.45 -17.21
N ASP A 4 -0.52 34.50 -17.48
CA ASP A 4 -1.05 35.86 -17.60
C ASP A 4 -1.98 35.99 -18.80
N ARG A 5 -1.65 35.33 -19.93
CA ARG A 5 -2.48 35.33 -21.14
C ARG A 5 -3.77 34.52 -20.93
N ILE A 6 -3.72 33.55 -20.00
CA ILE A 6 -4.82 32.69 -19.58
C ILE A 6 -5.76 33.53 -18.69
N LEU A 7 -5.18 34.36 -17.79
CA LEU A 7 -5.93 35.26 -16.90
C LEU A 7 -6.57 36.39 -17.71
N GLU A 8 -5.81 36.95 -18.66
CA GLU A 8 -6.24 38.02 -19.54
C GLU A 8 -7.46 37.59 -20.35
N ALA A 9 -7.51 36.30 -20.77
CA ALA A 9 -8.61 35.70 -21.53
C ALA A 9 -9.82 35.53 -20.62
N GLU A 10 -9.58 35.27 -19.33
CA GLU A 10 -10.63 35.10 -18.33
C GLU A 10 -11.27 36.45 -17.98
N LEU A 11 -10.43 37.49 -17.77
CA LEU A 11 -10.89 38.83 -17.44
C LEU A 11 -11.50 39.52 -18.65
N ALA A 12 -11.11 39.09 -19.89
CA ALA A 12 -11.62 39.59 -21.17
C ALA A 12 -13.15 39.59 -21.22
N VAL A 13 -13.78 38.66 -20.48
CA VAL A 13 -15.23 38.52 -20.37
C VAL A 13 -15.71 39.53 -19.30
N GLU A 14 -16.63 40.44 -19.69
CA GLU A 14 -17.20 41.48 -18.85
C GLU A 14 -18.26 40.91 -17.92
N VAL A 38 -34.77 28.12 -15.53
CA VAL A 38 -35.87 27.56 -16.32
C VAL A 38 -35.47 27.63 -17.82
N THR A 39 -36.04 28.60 -18.56
CA THR A 39 -35.76 28.86 -19.97
C THR A 39 -34.53 29.77 -20.03
N ASN A 40 -34.29 30.51 -18.92
CA ASN A 40 -33.18 31.45 -18.75
C ASN A 40 -31.83 30.76 -18.71
N ILE A 41 -31.76 29.50 -18.22
CA ILE A 41 -30.49 28.76 -18.19
C ILE A 41 -30.12 28.44 -19.65
N CYS A 42 -31.14 28.01 -20.45
CA CYS A 42 -30.97 27.71 -21.88
C CYS A 42 -30.62 28.95 -22.69
N GLN A 43 -31.11 30.14 -22.25
CA GLN A 43 -30.83 31.42 -22.89
C GLN A 43 -29.38 31.81 -22.61
N ALA A 44 -29.01 31.91 -21.30
CA ALA A 44 -27.66 32.26 -20.82
C ALA A 44 -26.58 31.32 -21.32
N ALA A 45 -26.90 30.02 -21.55
CA ALA A 45 -25.95 29.04 -22.07
C ALA A 45 -25.63 29.36 -23.54
N ASP A 46 -26.67 29.58 -24.37
CA ASP A 46 -26.57 29.92 -25.79
C ASP A 46 -25.76 31.21 -25.99
N LYS A 47 -25.99 32.23 -25.13
CA LYS A 47 -25.33 33.53 -25.15
C LYS A 47 -23.83 33.35 -24.91
N GLN A 48 -23.49 32.59 -23.86
CA GLN A 48 -22.13 32.31 -23.44
C GLN A 48 -21.34 31.42 -24.41
N LEU A 49 -22.03 30.69 -25.31
CA LEU A 49 -21.37 29.84 -26.31
C LEU A 49 -20.57 30.70 -27.30
N PHE A 50 -21.09 31.91 -27.62
CA PHE A 50 -20.43 32.87 -28.53
C PHE A 50 -19.19 33.42 -27.83
N THR A 51 -19.35 33.78 -26.54
CA THR A 51 -18.29 34.31 -25.68
C THR A 51 -17.17 33.28 -25.59
N LEU A 52 -17.55 31.99 -25.39
CA LEU A 52 -16.64 30.85 -25.26
C LEU A 52 -15.64 30.75 -26.41
N VAL A 53 -16.10 31.00 -27.65
CA VAL A 53 -15.23 30.94 -28.83
C VAL A 53 -14.19 32.07 -28.78
N GLU A 54 -14.57 33.25 -28.24
CA GLU A 54 -13.66 34.40 -28.09
C GLU A 54 -12.59 34.14 -27.02
N TRP A 55 -12.93 33.33 -25.99
CA TRP A 55 -12.00 32.95 -24.91
C TRP A 55 -11.01 31.89 -25.43
N ALA A 56 -11.50 30.93 -26.22
CA ALA A 56 -10.70 29.86 -26.78
C ALA A 56 -9.60 30.39 -27.71
N LYS A 57 -9.93 31.39 -28.55
CA LYS A 57 -9.00 32.04 -29.49
C LYS A 57 -7.85 32.75 -28.75
N ARG A 58 -8.18 33.41 -27.61
CA ARG A 58 -7.26 34.15 -26.75
C ARG A 58 -6.23 33.28 -26.02
N ILE A 59 -6.61 32.05 -25.60
CA ILE A 59 -5.73 31.14 -24.86
C ILE A 59 -4.60 30.56 -25.78
N PRO A 60 -3.34 30.53 -25.26
CA PRO A 60 -2.19 30.11 -26.07
C PRO A 60 -2.26 28.82 -26.88
N HIS A 61 -1.78 28.92 -28.14
CA HIS A 61 -1.64 27.90 -29.19
C HIS A 61 -2.96 27.32 -29.71
N PHE A 62 -4.12 27.89 -29.32
CA PHE A 62 -5.44 27.42 -29.78
C PHE A 62 -5.76 27.77 -31.22
N SER A 63 -5.57 29.05 -31.61
CA SER A 63 -5.84 29.52 -32.99
C SER A 63 -4.90 28.88 -34.01
N SER A 64 -3.66 28.54 -33.57
CA SER A 64 -2.58 27.90 -34.33
C SER A 64 -2.86 26.39 -34.60
N LEU A 65 -3.95 25.87 -34.02
CA LEU A 65 -4.39 24.46 -34.12
C LEU A 65 -5.37 24.24 -35.32
N PRO A 66 -5.37 23.05 -36.00
CA PRO A 66 -6.29 22.84 -37.12
C PRO A 66 -7.74 23.20 -36.83
N LEU A 67 -8.42 23.80 -37.83
CA LEU A 67 -9.82 24.28 -37.76
C LEU A 67 -10.83 23.22 -37.35
N ASP A 68 -10.63 21.98 -37.80
CA ASP A 68 -11.52 20.87 -37.47
C ASP A 68 -11.33 20.44 -36.02
N ASP A 69 -10.08 20.49 -35.52
CA ASP A 69 -9.73 20.14 -34.15
C ASP A 69 -10.30 21.14 -33.15
N GLN A 70 -10.31 22.44 -33.50
CA GLN A 70 -10.85 23.54 -32.68
C GLN A 70 -12.35 23.37 -32.49
N VAL A 71 -13.05 22.84 -33.52
CA VAL A 71 -14.50 22.57 -33.52
C VAL A 71 -14.73 21.40 -32.57
N ILE A 72 -13.99 20.31 -32.78
CA ILE A 72 -14.00 19.08 -31.99
C ILE A 72 -13.83 19.42 -30.51
N LEU A 73 -12.78 20.21 -30.16
CA LEU A 73 -12.46 20.62 -28.77
C LEU A 73 -13.54 21.46 -28.11
N LEU A 74 -14.15 22.38 -28.86
CA LEU A 74 -15.20 23.24 -28.33
C LEU A 74 -16.49 22.46 -28.19
N ARG A 75 -16.75 21.52 -29.11
CA ARG A 75 -17.96 20.69 -29.05
C ARG A 75 -17.89 19.70 -27.88
N ALA A 76 -16.66 19.24 -27.55
CA ALA A 76 -16.43 18.31 -26.46
C ALA A 76 -16.57 18.91 -25.05
N GLY A 77 -16.00 20.10 -24.82
CA GLY A 77 -16.01 20.72 -23.51
C GLY A 77 -16.90 21.91 -23.20
N TRP A 78 -17.70 22.40 -24.17
CA TRP A 78 -18.57 23.57 -23.93
C TRP A 78 -19.39 23.46 -22.66
N ASN A 79 -19.99 22.28 -22.40
CA ASN A 79 -20.80 22.00 -21.22
C ASN A 79 -19.99 22.26 -19.93
N GLU A 80 -18.88 21.51 -19.72
CA GLU A 80 -17.99 21.65 -18.57
C GLU A 80 -17.44 23.09 -18.44
N LEU A 81 -16.90 23.66 -19.56
CA LEU A 81 -16.35 25.02 -19.62
C LEU A 81 -17.32 26.07 -19.09
N LEU A 82 -18.60 25.97 -19.48
CA LEU A 82 -19.62 26.92 -19.01
C LEU A 82 -20.03 26.66 -17.58
N ILE A 83 -20.21 25.35 -17.17
CA ILE A 83 -20.55 24.98 -15.79
C ILE A 83 -19.46 25.55 -14.85
N ALA A 84 -18.19 25.47 -15.28
CA ALA A 84 -17.04 25.98 -14.54
C ALA A 84 -17.11 27.51 -14.38
N SER A 85 -17.54 28.22 -15.44
CA SER A 85 -17.70 29.68 -15.48
C SER A 85 -18.87 30.12 -14.58
N PHE A 86 -20.02 29.40 -14.66
CA PHE A 86 -21.20 29.68 -13.85
C PHE A 86 -20.94 29.45 -12.38
N SER A 87 -20.14 28.42 -12.04
CA SER A 87 -19.78 28.07 -10.67
C SER A 87 -18.86 29.12 -10.05
N HIS A 88 -17.87 29.59 -10.82
CA HIS A 88 -16.93 30.61 -10.36
C HIS A 88 -17.59 31.99 -10.21
N ARG A 89 -18.64 32.29 -11.02
CA ARG A 89 -19.37 33.55 -10.95
C ARG A 89 -20.17 33.61 -9.65
N SER A 90 -20.80 32.48 -9.28
CA SER A 90 -21.64 32.29 -8.10
C SER A 90 -20.91 32.15 -6.76
N ILE A 91 -19.61 32.47 -6.70
CA ILE A 91 -18.80 32.38 -5.48
C ILE A 91 -19.36 33.27 -4.36
N ASP A 92 -19.83 34.47 -4.72
CA ASP A 92 -20.34 35.44 -3.75
C ASP A 92 -21.88 35.39 -3.50
N VAL A 93 -22.59 34.43 -4.13
CA VAL A 93 -24.04 34.27 -3.95
C VAL A 93 -24.37 32.91 -3.29
N ARG A 94 -25.22 32.93 -2.25
CA ARG A 94 -25.62 31.72 -1.53
C ARG A 94 -26.84 31.03 -2.15
N ASP A 95 -26.80 29.68 -2.17
CA ASP A 95 -27.82 28.76 -2.68
C ASP A 95 -28.34 29.11 -4.11
N GLY A 96 -27.50 29.76 -4.91
CA GLY A 96 -27.85 30.15 -6.27
C GLY A 96 -26.71 30.28 -7.25
N ILE A 97 -27.05 30.26 -8.56
CA ILE A 97 -26.10 30.38 -9.68
C ILE A 97 -26.33 31.69 -10.47
N LEU A 98 -25.27 32.51 -10.55
CA LEU A 98 -25.26 33.79 -11.24
C LEU A 98 -24.94 33.65 -12.74
N LEU A 99 -25.99 33.69 -13.58
CA LEU A 99 -25.88 33.59 -15.03
C LEU A 99 -25.29 34.88 -15.61
N ALA A 100 -24.68 34.80 -16.81
CA ALA A 100 -24.06 35.95 -17.49
C ALA A 100 -25.06 37.00 -17.96
N THR A 101 -26.35 36.59 -18.06
CA THR A 101 -27.47 37.46 -18.47
C THR A 101 -27.74 38.56 -17.42
N GLY A 102 -27.42 38.27 -16.14
CA GLY A 102 -27.59 39.19 -15.03
C GLY A 102 -28.51 38.67 -13.96
N LEU A 103 -29.43 37.75 -14.34
CA LEU A 103 -30.41 37.11 -13.48
C LEU A 103 -29.76 35.90 -12.80
N HIS A 104 -30.14 35.64 -11.53
CA HIS A 104 -29.60 34.51 -10.77
C HIS A 104 -30.72 33.49 -10.44
N VAL A 105 -30.40 32.18 -10.49
CA VAL A 105 -31.34 31.08 -10.23
C VAL A 105 -31.10 30.48 -8.83
N HIS A 106 -32.11 30.53 -7.95
CA HIS A 106 -32.01 29.99 -6.58
C HIS A 106 -32.40 28.50 -6.51
N ARG A 107 -31.89 27.80 -5.47
CA ARG A 107 -32.08 26.39 -5.15
C ARG A 107 -33.55 25.96 -5.11
N ASN A 108 -34.44 26.78 -4.49
CA ASN A 108 -35.87 26.44 -4.38
C ASN A 108 -36.60 26.41 -5.71
N SER A 109 -36.17 27.22 -6.69
CA SER A 109 -36.78 27.23 -8.02
C SER A 109 -36.31 25.99 -8.81
N ALA A 110 -35.03 25.62 -8.66
CA ALA A 110 -34.38 24.47 -9.30
C ALA A 110 -35.07 23.16 -8.91
N HIS A 111 -35.48 23.05 -7.63
CA HIS A 111 -36.16 21.86 -7.12
C HIS A 111 -37.59 21.71 -7.63
N SER A 112 -38.25 22.84 -7.99
CA SER A 112 -39.61 22.83 -8.53
C SER A 112 -39.55 22.62 -10.07
N ALA A 113 -38.39 22.97 -10.67
CA ALA A 113 -38.11 22.82 -12.10
C ALA A 113 -37.79 21.35 -12.49
N GLY A 114 -37.62 20.51 -11.45
CA GLY A 114 -37.30 19.08 -11.59
C GLY A 114 -35.87 18.84 -12.01
N VAL A 115 -34.99 19.78 -11.62
CA VAL A 115 -33.56 19.79 -11.94
C VAL A 115 -32.76 20.28 -10.67
N GLY A 116 -33.31 19.98 -9.50
CA GLY A 116 -32.76 20.36 -8.20
C GLY A 116 -31.59 19.55 -7.67
N ALA A 117 -31.61 18.22 -7.85
CA ALA A 117 -30.54 17.31 -7.37
C ALA A 117 -29.17 17.65 -7.97
N ILE A 118 -29.13 17.90 -9.29
CA ILE A 118 -27.92 18.26 -10.04
C ILE A 118 -27.49 19.69 -9.71
N PHE A 119 -28.46 20.55 -9.36
CA PHE A 119 -28.22 21.94 -8.97
C PHE A 119 -27.57 21.93 -7.59
N ASP A 120 -27.96 20.97 -6.73
CA ASP A 120 -27.38 20.78 -5.39
C ASP A 120 -25.94 20.33 -5.53
N ARG A 121 -25.65 19.46 -6.54
CA ARG A 121 -24.31 18.94 -6.85
C ARG A 121 -23.34 20.02 -7.30
N VAL A 122 -23.81 20.98 -8.13
CA VAL A 122 -23.01 22.09 -8.63
C VAL A 122 -22.58 23.05 -7.50
N LEU A 123 -23.50 23.37 -6.58
CA LEU A 123 -23.16 24.29 -5.50
C LEU A 123 -22.25 23.64 -4.47
N THR A 124 -22.56 22.38 -4.09
CA THR A 124 -21.78 21.63 -3.10
C THR A 124 -20.38 21.27 -3.59
N GLU A 125 -20.27 20.63 -4.79
CA GLU A 125 -19.00 20.20 -5.38
C GLU A 125 -18.19 21.26 -6.11
N LEU A 126 -18.85 22.24 -6.73
CA LEU A 126 -18.12 23.24 -7.49
C LEU A 126 -18.07 24.63 -6.86
N VAL A 127 -19.22 25.28 -6.59
CA VAL A 127 -19.30 26.64 -6.02
C VAL A 127 -18.66 26.75 -4.62
N SER A 128 -19.12 25.95 -3.64
CA SER A 128 -18.58 25.99 -2.28
C SER A 128 -17.09 25.66 -2.22
N LYS A 129 -16.61 24.72 -3.05
CA LYS A 129 -15.21 24.32 -3.10
C LYS A 129 -14.34 25.45 -3.61
N MET A 130 -14.75 26.11 -4.72
CA MET A 130 -14.07 27.25 -5.34
C MET A 130 -14.00 28.43 -4.36
N ARG A 131 -15.01 28.55 -3.49
CA ARG A 131 -15.17 29.58 -2.47
C ARG A 131 -14.26 29.30 -1.26
N ASP A 132 -14.36 28.07 -0.71
CA ASP A 132 -13.58 27.63 0.45
C ASP A 132 -12.08 27.62 0.22
N MET A 133 -11.65 27.51 -1.04
CA MET A 133 -10.23 27.50 -1.37
C MET A 133 -9.78 28.84 -2.01
N ARG A 134 -10.71 29.81 -2.15
CA ARG A 134 -10.48 31.14 -2.75
C ARG A 134 -9.76 30.98 -4.10
N MET A 135 -10.34 30.17 -5.00
CA MET A 135 -9.78 29.88 -6.32
C MET A 135 -9.82 31.16 -7.17
N ASP A 136 -8.65 31.67 -7.57
CA ASP A 136 -8.58 32.88 -8.38
C ASP A 136 -8.94 32.62 -9.87
N LYS A 137 -9.14 33.71 -10.64
CA LYS A 137 -9.47 33.67 -12.06
C LYS A 137 -8.33 33.14 -12.94
N THR A 138 -7.10 33.07 -12.40
CA THR A 138 -5.94 32.55 -13.13
C THR A 138 -6.02 31.01 -13.10
N GLU A 139 -6.24 30.42 -11.89
CA GLU A 139 -6.35 28.98 -11.63
C GLU A 139 -7.51 28.38 -12.41
N LEU A 140 -8.69 29.06 -12.40
CA LEU A 140 -9.90 28.68 -13.12
C LEU A 140 -9.62 28.68 -14.63
N GLY A 141 -8.88 29.68 -15.11
CA GLY A 141 -8.52 29.80 -16.51
C GLY A 141 -7.68 28.63 -16.97
N CYS A 142 -6.78 28.20 -16.07
CA CYS A 142 -5.89 27.06 -16.26
C CYS A 142 -6.72 25.78 -16.30
N LEU A 143 -7.70 25.63 -15.39
CA LEU A 143 -8.57 24.46 -15.35
C LEU A 143 -9.42 24.38 -16.61
N ARG A 144 -10.03 25.52 -17.00
CA ARG A 144 -10.85 25.61 -18.22
C ARG A 144 -9.98 25.30 -19.45
N ALA A 145 -8.70 25.69 -19.45
CA ALA A 145 -7.75 25.40 -20.54
C ALA A 145 -7.43 23.88 -20.54
N ILE A 146 -7.38 23.25 -19.34
CA ILE A 146 -7.15 21.81 -19.20
C ILE A 146 -8.40 21.08 -19.73
N ILE A 147 -9.60 21.60 -19.39
CA ILE A 147 -10.88 21.04 -19.83
C ILE A 147 -10.95 21.11 -21.36
N LEU A 148 -10.54 22.29 -21.94
CA LEU A 148 -10.55 22.59 -23.36
C LEU A 148 -9.65 21.67 -24.18
N PHE A 149 -8.37 21.59 -23.81
CA PHE A 149 -7.37 20.79 -24.48
C PHE A 149 -7.50 19.34 -24.06
N ASN A 150 -8.59 18.68 -24.49
CA ASN A 150 -8.85 17.28 -24.17
C ASN A 150 -8.37 16.37 -25.31
N PRO A 151 -7.28 15.59 -25.12
CA PRO A 151 -6.82 14.72 -26.22
C PRO A 151 -7.73 13.50 -26.47
N ASP A 152 -8.74 13.31 -25.61
CA ASP A 152 -9.74 12.25 -25.64
C ASP A 152 -10.95 12.59 -26.54
N ALA A 153 -11.06 13.86 -26.95
CA ALA A 153 -12.15 14.33 -27.81
C ALA A 153 -12.19 13.50 -29.11
N LYS A 154 -13.37 12.97 -29.44
CA LYS A 154 -13.59 12.13 -30.61
C LYS A 154 -13.31 12.84 -31.93
N GLY A 155 -12.57 12.16 -32.81
CA GLY A 155 -12.23 12.63 -34.14
C GLY A 155 -11.06 13.57 -34.31
N LEU A 156 -10.25 13.80 -33.26
CA LEU A 156 -9.07 14.68 -33.32
C LEU A 156 -8.03 14.16 -34.33
N SER A 157 -7.61 15.03 -35.27
CA SER A 157 -6.62 14.68 -36.29
C SER A 157 -5.26 14.39 -35.65
N ASN A 158 -4.82 15.29 -34.75
CA ASN A 158 -3.55 15.21 -34.03
C ASN A 158 -3.80 15.26 -32.50
N PRO A 159 -4.03 14.09 -31.85
CA PRO A 159 -4.24 14.11 -30.39
C PRO A 159 -2.98 14.27 -29.55
N SER A 160 -1.79 14.10 -30.16
CA SER A 160 -0.50 14.24 -29.47
C SER A 160 -0.20 15.70 -29.18
N GLU A 161 -0.46 16.60 -30.15
CA GLU A 161 -0.21 18.01 -29.94
C GLU A 161 -1.18 18.62 -28.90
N VAL A 162 -2.43 18.08 -28.84
CA VAL A 162 -3.45 18.52 -27.88
C VAL A 162 -3.00 18.09 -26.45
N GLU A 163 -2.37 16.90 -26.34
CA GLU A 163 -1.85 16.37 -25.07
C GLU A 163 -0.69 17.22 -24.53
N VAL A 164 0.26 17.62 -25.39
CA VAL A 164 1.42 18.44 -25.01
C VAL A 164 0.96 19.78 -24.42
N LEU A 165 0.00 20.43 -25.11
CA LEU A 165 -0.58 21.70 -24.70
C LEU A 165 -1.27 21.61 -23.36
N ARG A 166 -2.00 20.49 -23.12
CA ARG A 166 -2.69 20.24 -21.85
C ARG A 166 -1.64 20.08 -20.74
N GLU A 167 -0.53 19.38 -21.06
CA GLU A 167 0.56 19.15 -20.14
C GLU A 167 1.27 20.47 -19.85
N LYS A 168 1.29 21.39 -20.85
CA LYS A 168 1.88 22.71 -20.73
C LYS A 168 1.13 23.52 -19.68
N VAL A 169 -0.19 23.26 -19.54
CA VAL A 169 -1.03 23.92 -18.54
C VAL A 169 -0.66 23.39 -17.16
N TYR A 170 -0.58 22.04 -16.97
CA TYR A 170 -0.19 21.43 -15.68
C TYR A 170 1.07 22.13 -15.12
N ALA A 171 2.12 22.23 -15.98
CA ALA A 171 3.41 22.84 -15.69
C ALA A 171 3.24 24.29 -15.18
N SER A 172 2.52 25.14 -15.96
CA SER A 172 2.27 26.55 -15.63
C SER A 172 1.44 26.72 -14.38
N LEU A 173 0.39 25.90 -14.22
CA LEU A 173 -0.49 25.96 -13.06
C LEU A 173 0.21 25.58 -11.76
N GLU A 174 0.99 24.47 -11.77
CA GLU A 174 1.75 24.03 -10.60
C GLU A 174 2.76 25.11 -10.17
N THR A 175 3.44 25.74 -11.18
CA THR A 175 4.43 26.79 -10.97
C THR A 175 3.73 28.04 -10.41
N TYR A 176 2.58 28.42 -10.99
CA TYR A 176 1.82 29.55 -10.48
C TYR A 176 1.47 29.26 -9.02
N CYS A 177 0.87 28.07 -8.74
CA CYS A 177 0.43 27.58 -7.43
C CYS A 177 1.45 27.73 -6.32
N LYS A 178 2.66 27.17 -6.50
CA LYS A 178 3.76 27.19 -5.54
C LYS A 178 4.26 28.60 -5.23
N GLN A 179 4.31 29.46 -6.27
CA GLN A 179 4.74 30.85 -6.15
C GLN A 179 3.68 31.69 -5.42
N LYS A 180 2.46 31.79 -6.00
CA LYS A 180 1.34 32.56 -5.44
C LYS A 180 0.82 32.03 -4.09
N TYR A 181 0.87 30.71 -3.90
CA TYR A 181 0.37 30.11 -2.66
C TYR A 181 1.39 29.17 -1.97
N PRO A 182 2.50 29.71 -1.39
CA PRO A 182 3.41 28.83 -0.64
C PRO A 182 2.73 28.47 0.67
N GLU A 183 3.15 27.38 1.33
CA GLU A 183 2.57 26.88 2.60
C GLU A 183 1.12 26.39 2.37
N GLN A 184 0.91 25.77 1.18
CA GLN A 184 -0.30 25.17 0.61
C GLN A 184 0.24 24.26 -0.51
N GLN A 185 0.96 23.19 -0.10
CA GLN A 185 1.63 22.25 -1.00
C GLN A 185 0.70 21.21 -1.68
N GLY A 186 -0.58 21.23 -1.34
CA GLY A 186 -1.56 20.31 -1.93
C GLY A 186 -2.61 21.00 -2.78
N ARG A 187 -2.46 22.33 -3.00
CA ARG A 187 -3.37 23.20 -3.74
C ARG A 187 -3.58 22.80 -5.21
N PHE A 188 -2.47 22.54 -5.94
CA PHE A 188 -2.50 22.13 -7.35
C PHE A 188 -3.41 20.91 -7.53
N ALA A 189 -3.24 19.91 -6.66
CA ALA A 189 -4.02 18.68 -6.67
C ALA A 189 -5.50 19.00 -6.37
N LYS A 190 -5.77 19.85 -5.36
CA LYS A 190 -7.14 20.26 -4.99
C LYS A 190 -7.90 20.87 -6.15
N LEU A 191 -7.16 21.56 -7.05
CA LEU A 191 -7.67 22.18 -8.28
C LEU A 191 -7.96 21.09 -9.32
N LEU A 192 -7.05 20.12 -9.47
CA LEU A 192 -7.25 19.04 -10.42
C LEU A 192 -8.33 18.07 -9.98
N LEU A 193 -8.54 17.90 -8.65
CA LEU A 193 -9.53 16.99 -8.10
C LEU A 193 -10.98 17.48 -8.29
N ARG A 194 -11.18 18.70 -8.81
CA ARG A 194 -12.51 19.21 -9.08
C ARG A 194 -12.97 18.68 -10.43
N LEU A 195 -12.00 18.40 -11.32
CA LEU A 195 -12.20 17.92 -12.68
C LEU A 195 -12.94 16.60 -12.80
N PRO A 196 -12.65 15.50 -12.01
CA PRO A 196 -13.46 14.28 -12.15
C PRO A 196 -14.94 14.58 -11.81
N ALA A 197 -15.16 15.32 -10.71
CA ALA A 197 -16.47 15.73 -10.24
C ALA A 197 -17.18 16.55 -11.32
N LEU A 198 -16.47 17.48 -11.95
CA LEU A 198 -16.95 18.35 -13.01
C LEU A 198 -17.37 17.55 -14.23
N ARG A 199 -16.59 16.52 -14.59
CA ARG A 199 -16.87 15.65 -15.73
C ARG A 199 -18.21 14.92 -15.51
N SER A 200 -18.41 14.33 -14.32
CA SER A 200 -19.64 13.63 -13.94
C SER A 200 -20.82 14.59 -13.92
N ILE A 201 -20.64 15.80 -13.35
CA ILE A 201 -21.66 16.86 -13.26
C ILE A 201 -22.07 17.33 -14.66
N GLY A 202 -21.09 17.57 -15.53
CA GLY A 202 -21.30 18.00 -16.90
C GLY A 202 -22.15 17.03 -17.68
N LEU A 203 -21.93 15.72 -17.43
CA LEU A 203 -22.66 14.62 -18.04
C LEU A 203 -24.14 14.62 -17.61
N LYS A 204 -24.43 14.82 -16.30
CA LYS A 204 -25.80 14.88 -15.80
C LYS A 204 -26.46 16.20 -16.21
N CYS A 205 -25.65 17.26 -16.39
CA CYS A 205 -26.11 18.58 -16.84
C CYS A 205 -26.58 18.50 -18.28
N LEU A 206 -25.84 17.73 -19.10
CA LEU A 206 -26.12 17.51 -20.52
C LEU A 206 -27.31 16.60 -20.77
N GLU A 207 -27.60 15.64 -19.86
CA GLU A 207 -28.76 14.78 -20.06
C GLU A 207 -30.05 15.57 -19.82
N HIS A 208 -30.04 16.50 -18.84
CA HIS A 208 -31.19 17.37 -18.54
C HIS A 208 -31.52 18.30 -19.71
N LEU A 209 -30.48 18.78 -20.43
CA LEU A 209 -30.63 19.66 -21.59
C LEU A 209 -31.22 18.91 -22.77
N PHE A 210 -30.93 17.60 -22.87
CA PHE A 210 -31.47 16.75 -23.92
C PHE A 210 -32.96 16.52 -23.66
N PHE A 211 -33.38 16.42 -22.36
CA PHE A 211 -34.78 16.21 -21.97
C PHE A 211 -35.61 17.43 -22.38
N PHE A 212 -35.03 18.64 -22.25
CA PHE A 212 -35.68 19.90 -22.63
C PHE A 212 -35.86 19.96 -24.15
N LYS A 213 -34.88 19.43 -24.90
CA LYS A 213 -34.85 19.38 -26.36
C LYS A 213 -35.80 18.28 -26.90
N LEU A 214 -35.96 17.17 -26.16
CA LEU A 214 -36.85 16.08 -26.58
C LEU A 214 -38.28 16.38 -26.19
N ILE A 215 -38.49 16.98 -25.01
CA ILE A 215 -39.81 17.34 -24.52
C ILE A 215 -40.32 18.50 -25.38
N GLY A 216 -39.55 19.58 -25.45
CA GLY A 216 -39.85 20.77 -26.25
C GLY A 216 -40.93 21.65 -25.68
N ASP A 217 -40.79 22.04 -24.39
CA ASP A 217 -41.74 22.93 -23.72
C ASP A 217 -41.55 24.37 -24.20
N THR A 218 -40.30 24.86 -24.17
CA THR A 218 -39.90 26.19 -24.64
C THR A 218 -38.66 26.02 -25.53
N PRO A 219 -38.77 26.34 -26.86
CA PRO A 219 -37.62 26.17 -27.78
C PRO A 219 -36.31 26.85 -27.40
N ILE A 220 -35.22 26.15 -27.70
CA ILE A 220 -33.82 26.52 -27.45
C ILE A 220 -33.26 27.25 -28.69
N ASP A 221 -32.42 28.30 -28.47
CA ASP A 221 -31.77 29.10 -29.53
C ASP A 221 -30.84 28.24 -30.40
N THR A 222 -30.67 28.66 -31.67
CA THR A 222 -29.90 28.01 -32.73
C THR A 222 -28.46 27.54 -32.36
N PHE A 223 -27.67 28.36 -31.62
CA PHE A 223 -26.30 27.94 -31.28
C PHE A 223 -26.26 26.79 -30.27
N LEU A 224 -27.11 26.84 -29.23
CA LEU A 224 -27.21 25.79 -28.22
C LEU A 224 -27.85 24.54 -28.84
N MET A 225 -28.73 24.75 -29.84
CA MET A 225 -29.38 23.68 -30.58
C MET A 225 -28.34 22.96 -31.45
N GLU A 226 -27.37 23.74 -32.01
CA GLU A 226 -26.27 23.22 -32.83
C GLU A 226 -25.30 22.38 -31.95
N MET A 227 -25.13 22.77 -30.68
CA MET A 227 -24.27 22.10 -29.71
C MET A 227 -24.90 20.79 -29.25
N LEU A 228 -26.21 20.80 -28.93
CA LEU A 228 -26.94 19.60 -28.49
C LEU A 228 -27.04 18.56 -29.61
N GLU A 229 -27.49 18.98 -30.82
CA GLU A 229 -27.62 18.09 -31.98
C GLU A 229 -26.24 17.64 -32.47
N ALA A 230 -26.11 16.34 -32.80
CA ALA A 230 -24.85 15.77 -33.30
C ALA A 230 -25.12 14.74 -34.42
N LYS A 243 -21.88 24.88 -38.46
CA LYS A 243 -22.46 26.08 -39.06
C LYS A 243 -21.94 27.35 -38.36
N ILE A 244 -22.64 27.83 -37.29
CA ILE A 244 -22.30 29.02 -36.50
C ILE A 244 -20.90 28.92 -35.91
N LEU A 245 -20.52 27.73 -35.38
CA LEU A 245 -19.21 27.46 -34.79
C LEU A 245 -18.06 27.63 -35.80
N HIS A 246 -18.27 27.17 -37.05
CA HIS A 246 -17.31 27.27 -38.15
C HIS A 246 -17.12 28.73 -38.59
N ARG A 247 -18.21 29.52 -38.57
CA ARG A 247 -18.26 30.94 -38.94
C ARG A 247 -17.56 31.78 -37.85
N LEU A 248 -17.72 31.37 -36.57
CA LEU A 248 -17.13 32.04 -35.41
C LEU A 248 -15.62 31.87 -35.33
N LEU A 249 -15.08 30.78 -35.91
CA LEU A 249 -13.65 30.48 -35.90
C LEU A 249 -12.76 31.42 -36.73
N GLN A 250 -13.35 32.23 -37.65
CA GLN A 250 -12.61 33.20 -38.46
C GLN A 250 -13.45 34.42 -38.81
N GLY B 1 12.69 19.46 -3.75
CA GLY B 1 11.71 19.99 -2.82
C GLY B 1 10.55 19.05 -2.60
N VAL B 2 10.86 17.76 -2.42
CA VAL B 2 9.90 16.68 -2.19
C VAL B 2 10.52 15.62 -1.26
N GLN B 3 9.67 14.86 -0.56
CA GLN B 3 10.09 13.80 0.34
C GLN B 3 9.05 12.71 0.48
N LEU B 4 9.50 11.45 0.50
CA LEU B 4 8.65 10.30 0.74
C LEU B 4 9.01 9.83 2.17
N THR B 5 8.22 10.26 3.17
CA THR B 5 8.47 9.90 4.57
C THR B 5 8.31 8.41 4.79
N ALA B 6 8.92 7.92 5.89
CA ALA B 6 8.88 6.52 6.31
C ALA B 6 7.42 6.05 6.44
N ALA B 7 6.55 6.94 6.96
CA ALA B 7 5.11 6.74 7.16
C ALA B 7 4.39 6.51 5.82
N GLN B 8 4.75 7.32 4.78
CA GLN B 8 4.18 7.23 3.44
C GLN B 8 4.62 5.94 2.75
N GLU B 9 5.92 5.58 2.91
CA GLU B 9 6.55 4.38 2.35
C GLU B 9 5.85 3.12 2.89
N LEU B 10 5.60 3.09 4.22
CA LEU B 10 4.93 1.98 4.86
C LEU B 10 3.47 1.89 4.45
N MET B 11 2.84 3.05 4.19
CA MET B 11 1.45 3.11 3.74
C MET B 11 1.35 2.49 2.36
N ILE B 12 2.15 2.98 1.38
CA ILE B 12 2.21 2.47 0.01
C ILE B 12 2.43 0.95 0.02
N GLN B 13 3.35 0.47 0.90
CA GLN B 13 3.70 -0.95 1.09
C GLN B 13 2.49 -1.82 1.44
N GLN B 14 1.66 -1.35 2.41
CA GLN B 14 0.47 -2.06 2.84
C GLN B 14 -0.51 -2.18 1.69
N LEU B 15 -0.56 -1.13 0.82
CA LEU B 15 -1.46 -1.11 -0.34
C LEU B 15 -1.11 -2.16 -1.35
N VAL B 16 0.19 -2.29 -1.67
CA VAL B 16 0.73 -3.27 -2.62
C VAL B 16 0.50 -4.68 -2.04
N ALA B 17 0.71 -4.84 -0.70
CA ALA B 17 0.55 -6.09 0.06
C ALA B 17 -0.89 -6.57 0.05
N ALA B 18 -1.82 -5.65 0.35
CA ALA B 18 -3.26 -5.88 0.38
C ALA B 18 -3.69 -6.36 -0.98
N GLN B 19 -3.29 -5.62 -2.05
CA GLN B 19 -3.60 -5.93 -3.44
C GLN B 19 -3.18 -7.34 -3.80
N LEU B 20 -1.92 -7.72 -3.48
CA LEU B 20 -1.40 -9.05 -3.75
C LEU B 20 -2.10 -10.17 -2.96
N GLN B 21 -2.43 -9.97 -1.67
CA GLN B 21 -3.13 -11.02 -0.93
C GLN B 21 -4.58 -11.19 -1.39
N CYS B 22 -5.24 -10.12 -1.91
CA CYS B 22 -6.60 -10.19 -2.46
C CYS B 22 -6.56 -11.02 -3.75
N ASN B 23 -5.48 -10.86 -4.54
CA ASN B 23 -5.26 -11.58 -5.80
C ASN B 23 -5.16 -13.06 -5.47
N LYS B 24 -4.58 -13.42 -4.30
CA LYS B 24 -4.43 -14.80 -3.84
C LYS B 24 -5.82 -15.46 -3.68
N ARG B 25 -6.81 -14.78 -3.02
CA ARG B 25 -8.17 -15.34 -2.89
C ARG B 25 -8.87 -15.37 -4.25
N SER B 26 -8.58 -14.37 -5.09
CA SER B 26 -9.10 -14.21 -6.44
C SER B 26 -8.66 -15.40 -7.36
N PHE B 27 -7.39 -15.86 -7.22
CA PHE B 27 -6.84 -16.97 -8.00
C PHE B 27 -7.34 -18.34 -7.54
N SER B 28 -7.75 -18.44 -6.26
CA SER B 28 -8.28 -19.66 -5.67
C SER B 28 -9.67 -19.92 -6.25
N ASP B 29 -10.44 -18.84 -6.51
CA ASP B 29 -11.80 -18.84 -7.04
C ASP B 29 -11.89 -19.10 -8.57
N GLN B 30 -10.75 -19.40 -9.24
CA GLN B 30 -10.72 -19.68 -10.67
C GLN B 30 -11.62 -20.88 -11.09
N PRO B 31 -11.63 -22.07 -10.39
CA PRO B 31 -12.54 -23.16 -10.82
C PRO B 31 -14.06 -22.87 -10.70
N LYS B 32 -14.45 -21.71 -10.12
CA LYS B 32 -15.85 -21.31 -9.95
C LYS B 32 -16.45 -20.71 -11.23
N VAL B 33 -15.64 -20.03 -12.05
CA VAL B 33 -16.11 -19.37 -13.29
C VAL B 33 -16.37 -20.43 -14.36
N THR B 34 -17.54 -20.38 -15.02
CA THR B 34 -17.92 -21.33 -16.08
C THR B 34 -16.83 -21.22 -17.14
N PRO B 35 -16.36 -22.34 -17.71
CA PRO B 35 -15.29 -22.24 -18.71
C PRO B 35 -15.67 -21.44 -19.95
N TRP B 36 -14.65 -20.91 -20.61
CA TRP B 36 -14.81 -20.20 -21.87
C TRP B 36 -14.93 -21.36 -22.90
N PRO B 37 -16.02 -21.47 -23.71
CA PRO B 37 -16.14 -22.62 -24.64
C PRO B 37 -15.23 -22.63 -25.87
N ALA B 40 -16.50 -24.57 -31.42
CA ALA B 40 -17.64 -24.51 -32.33
C ALA B 40 -18.97 -24.49 -31.55
N ASP B 41 -19.71 -23.37 -31.67
CA ASP B 41 -20.97 -23.09 -30.97
C ASP B 41 -22.10 -24.05 -31.39
N PRO B 42 -22.76 -24.75 -30.42
CA PRO B 42 -23.88 -25.65 -30.80
C PRO B 42 -25.11 -24.91 -31.34
N ALA B 43 -26.06 -25.65 -31.98
CA ALA B 43 -27.29 -25.10 -32.57
C ALA B 43 -28.25 -24.47 -31.52
N SER B 44 -28.10 -24.85 -30.24
CA SER B 44 -28.90 -24.36 -29.11
C SER B 44 -28.69 -22.86 -28.82
N GLY B 45 -27.44 -22.40 -28.90
CA GLY B 45 -27.04 -21.02 -28.65
C GLY B 45 -26.45 -20.83 -27.26
N SER B 46 -26.19 -21.95 -26.56
CA SER B 46 -25.64 -22.01 -25.21
C SER B 46 -24.21 -21.46 -25.08
N ALA B 47 -23.35 -21.58 -26.14
CA ALA B 47 -21.98 -21.08 -26.14
C ALA B 47 -21.91 -19.58 -25.84
N SER B 48 -22.88 -18.81 -26.38
CA SER B 48 -23.00 -17.36 -26.20
C SER B 48 -23.32 -17.02 -24.76
N GLN B 49 -24.22 -17.82 -24.17
CA GLN B 49 -24.66 -17.75 -22.79
C GLN B 49 -23.46 -18.09 -21.90
N GLN B 50 -22.62 -19.06 -22.34
CA GLN B 50 -21.44 -19.48 -21.62
C GLN B 50 -20.35 -18.40 -21.60
N ARG B 51 -20.17 -17.70 -22.74
CA ARG B 51 -19.20 -16.62 -22.86
C ARG B 51 -19.61 -15.42 -22.03
N PHE B 52 -20.93 -15.18 -21.91
CA PHE B 52 -21.49 -14.06 -21.16
C PHE B 52 -21.33 -14.31 -19.64
N ALA B 53 -21.67 -15.55 -19.20
CA ALA B 53 -21.56 -16.01 -17.81
C ALA B 53 -20.09 -16.02 -17.34
N HIS B 54 -19.15 -16.35 -18.24
CA HIS B 54 -17.72 -16.37 -17.95
C HIS B 54 -17.33 -14.97 -17.46
N PHE B 55 -17.63 -13.95 -18.27
CA PHE B 55 -17.36 -12.55 -17.99
C PHE B 55 -18.04 -12.03 -16.71
N THR B 56 -19.28 -12.49 -16.49
CA THR B 56 -20.14 -12.18 -15.35
C THR B 56 -19.50 -12.68 -14.04
N GLU B 57 -19.04 -13.94 -14.05
CA GLU B 57 -18.40 -14.55 -12.90
C GLU B 57 -17.02 -13.94 -12.65
N LEU B 58 -16.27 -13.60 -13.71
CA LEU B 58 -14.98 -12.92 -13.58
C LEU B 58 -15.21 -11.53 -12.92
N ALA B 59 -16.33 -10.86 -13.28
CA ALA B 59 -16.71 -9.56 -12.71
C ALA B 59 -17.02 -9.69 -11.24
N ILE B 60 -17.70 -10.79 -10.83
CA ILE B 60 -18.06 -11.09 -9.43
C ILE B 60 -16.78 -11.26 -8.62
N ILE B 61 -15.79 -12.02 -9.17
CA ILE B 61 -14.48 -12.25 -8.55
C ILE B 61 -13.83 -10.86 -8.34
N SER B 62 -13.85 -10.02 -9.40
CA SER B 62 -13.30 -8.67 -9.40
C SER B 62 -13.98 -7.75 -8.35
N VAL B 63 -15.30 -7.90 -8.11
CA VAL B 63 -16.02 -7.12 -7.10
C VAL B 63 -15.52 -7.50 -5.70
N GLN B 64 -15.51 -8.81 -5.38
CA GLN B 64 -15.03 -9.39 -4.14
C GLN B 64 -13.58 -8.95 -3.79
N GLU B 65 -12.77 -8.77 -4.81
CA GLU B 65 -11.39 -8.34 -4.66
C GLU B 65 -11.30 -6.87 -4.26
N ILE B 66 -12.12 -6.01 -4.89
CA ILE B 66 -12.17 -4.57 -4.63
C ILE B 66 -12.61 -4.33 -3.18
N VAL B 67 -13.69 -5.02 -2.77
CA VAL B 67 -14.28 -4.91 -1.44
C VAL B 67 -13.26 -5.34 -0.37
N ASP B 68 -12.50 -6.44 -0.61
CA ASP B 68 -11.48 -6.93 0.30
C ASP B 68 -10.28 -5.99 0.28
N PHE B 69 -9.99 -5.34 -0.85
CA PHE B 69 -8.91 -4.36 -0.91
C PHE B 69 -9.25 -3.12 -0.09
N ALA B 70 -10.50 -2.59 -0.24
CA ALA B 70 -10.96 -1.41 0.52
C ALA B 70 -10.93 -1.67 2.02
N LYS B 71 -11.30 -2.89 2.46
CA LYS B 71 -11.27 -3.24 3.89
C LYS B 71 -9.85 -3.12 4.46
N GLN B 72 -8.85 -3.25 3.58
CA GLN B 72 -7.44 -3.17 3.94
C GLN B 72 -6.82 -1.79 3.71
N VAL B 73 -7.53 -0.85 3.02
CA VAL B 73 -7.01 0.51 2.81
C VAL B 73 -7.26 1.31 4.09
N PRO B 74 -6.19 1.75 4.79
CA PRO B 74 -6.38 2.46 6.07
C PRO B 74 -7.40 3.60 6.07
N GLY B 75 -8.24 3.60 7.10
CA GLY B 75 -9.29 4.60 7.30
C GLY B 75 -10.67 4.25 6.77
N PHE B 76 -10.73 3.53 5.64
CA PHE B 76 -11.98 3.12 5.00
C PHE B 76 -12.96 2.44 5.96
N LEU B 77 -12.51 1.46 6.76
CA LEU B 77 -13.39 0.77 7.71
C LEU B 77 -13.84 1.65 8.90
N GLN B 78 -13.28 2.86 9.05
CA GLN B 78 -13.66 3.77 10.12
C GLN B 78 -14.97 4.45 9.75
N LEU B 79 -15.17 4.75 8.43
CA LEU B 79 -16.37 5.38 7.83
C LEU B 79 -17.64 4.57 8.08
N GLY B 80 -18.78 5.25 8.03
CA GLY B 80 -20.09 4.62 8.20
C GLY B 80 -20.34 3.59 7.10
N ARG B 81 -21.14 2.54 7.41
CA ARG B 81 -21.46 1.50 6.45
C ARG B 81 -22.18 2.08 5.19
N GLU B 82 -23.13 3.03 5.39
CA GLU B 82 -23.84 3.70 4.29
C GLU B 82 -22.80 4.26 3.31
N ASP B 83 -21.82 5.03 3.84
CA ASP B 83 -20.77 5.69 3.08
C ASP B 83 -19.86 4.72 2.36
N GLN B 84 -19.40 3.64 3.03
CA GLN B 84 -18.52 2.69 2.36
C GLN B 84 -19.23 1.96 1.21
N ILE B 85 -20.56 1.69 1.35
CA ILE B 85 -21.37 1.07 0.30
C ILE B 85 -21.45 2.08 -0.87
N ALA B 86 -21.75 3.35 -0.56
CA ALA B 86 -21.86 4.44 -1.53
C ALA B 86 -20.57 4.62 -2.35
N LEU B 87 -19.40 4.48 -1.69
CA LEU B 87 -18.10 4.63 -2.34
C LEU B 87 -17.77 3.50 -3.30
N LEU B 88 -17.94 2.23 -2.85
CA LEU B 88 -17.65 1.04 -3.66
C LEU B 88 -18.60 0.89 -4.84
N LYS B 89 -19.87 1.29 -4.68
CA LYS B 89 -20.86 1.23 -5.74
C LYS B 89 -20.40 2.05 -6.95
N ALA B 90 -19.93 3.29 -6.70
CA ALA B 90 -19.47 4.17 -7.76
C ALA B 90 -18.07 3.84 -8.28
N SER B 91 -17.19 3.37 -7.40
CA SER B 91 -15.82 3.06 -7.75
C SER B 91 -15.64 1.71 -8.44
N THR B 92 -16.49 0.69 -8.18
CA THR B 92 -16.41 -0.65 -8.76
C THR B 92 -16.01 -0.64 -10.23
N ILE B 93 -16.83 -0.06 -11.12
CA ILE B 93 -16.51 -0.08 -12.56
C ILE B 93 -15.17 0.63 -12.86
N GLU B 94 -14.84 1.73 -12.15
CA GLU B 94 -13.59 2.49 -12.34
C GLU B 94 -12.39 1.62 -11.93
N ILE B 95 -12.47 1.00 -10.76
CA ILE B 95 -11.44 0.10 -10.26
C ILE B 95 -11.40 -1.16 -11.13
N MET B 96 -12.54 -1.56 -11.69
CA MET B 96 -12.60 -2.71 -12.58
C MET B 96 -11.81 -2.45 -13.83
N LEU B 97 -11.99 -1.27 -14.46
CA LEU B 97 -11.28 -0.90 -15.69
C LEU B 97 -9.79 -0.67 -15.50
N LEU B 98 -9.42 -0.21 -14.30
CA LEU B 98 -8.05 0.05 -13.88
C LEU B 98 -7.30 -1.30 -13.81
N GLU B 99 -7.97 -2.33 -13.24
CA GLU B 99 -7.47 -3.69 -13.11
C GLU B 99 -7.42 -4.42 -14.47
N THR B 100 -8.23 -3.97 -15.46
CA THR B 100 -8.28 -4.51 -16.82
C THR B 100 -7.08 -3.99 -17.60
N ALA B 101 -6.82 -2.67 -17.47
CA ALA B 101 -5.74 -1.90 -18.09
C ALA B 101 -4.34 -2.41 -17.72
N ARG B 102 -4.10 -2.79 -16.44
CA ARG B 102 -2.80 -3.31 -16.00
C ARG B 102 -2.55 -4.73 -16.49
N ARG B 103 -3.60 -5.40 -16.98
CA ARG B 103 -3.54 -6.76 -17.49
C ARG B 103 -3.60 -6.79 -19.03
N TYR B 104 -3.40 -5.60 -19.65
CA TYR B 104 -3.35 -5.41 -21.09
C TYR B 104 -1.90 -5.63 -21.54
N ASN B 105 -1.75 -6.43 -22.61
CA ASN B 105 -0.47 -6.73 -23.22
C ASN B 105 -0.49 -6.10 -24.62
N HIS B 106 0.36 -5.08 -24.85
CA HIS B 106 0.49 -4.36 -26.12
C HIS B 106 1.04 -5.24 -27.26
N GLU B 107 1.87 -6.24 -26.94
CA GLU B 107 2.47 -7.14 -27.93
C GLU B 107 1.43 -7.99 -28.60
N THR B 108 0.55 -8.61 -27.80
CA THR B 108 -0.55 -9.48 -28.26
C THR B 108 -1.86 -8.73 -28.52
N GLU B 109 -2.00 -7.49 -27.97
CA GLU B 109 -3.21 -6.64 -28.04
C GLU B 109 -4.36 -7.32 -27.26
N CYS B 110 -4.00 -8.15 -26.26
CA CYS B 110 -4.95 -8.89 -25.44
C CYS B 110 -4.93 -8.50 -23.96
N ILE B 111 -5.99 -8.89 -23.26
CA ILE B 111 -6.19 -8.66 -21.84
C ILE B 111 -6.20 -10.00 -21.11
N THR B 112 -5.35 -10.14 -20.08
CA THR B 112 -5.27 -11.41 -19.36
C THR B 112 -5.85 -11.33 -17.95
N PHE B 113 -6.84 -12.19 -17.69
CA PHE B 113 -7.50 -12.27 -16.40
C PHE B 113 -7.11 -13.58 -15.79
N LEU B 114 -6.88 -13.58 -14.46
CA LEU B 114 -6.54 -14.76 -13.66
C LEU B 114 -5.46 -15.66 -14.26
N LYS B 115 -4.41 -15.05 -14.84
CA LYS B 115 -3.25 -15.74 -15.45
C LYS B 115 -3.57 -16.51 -16.76
N ASP B 116 -4.61 -17.37 -16.76
CA ASP B 116 -4.94 -18.22 -17.91
C ASP B 116 -5.92 -17.66 -18.94
N PHE B 117 -6.89 -16.82 -18.53
CA PHE B 117 -7.89 -16.30 -19.46
C PHE B 117 -7.43 -15.03 -20.23
N THR B 118 -6.97 -15.22 -21.47
CA THR B 118 -6.47 -14.15 -22.36
C THR B 118 -7.52 -13.80 -23.43
N TYR B 119 -7.92 -12.52 -23.50
CA TYR B 119 -8.94 -12.05 -24.43
C TYR B 119 -8.58 -10.84 -25.32
N SER B 120 -8.91 -10.99 -26.62
CA SER B 120 -8.74 -9.99 -27.66
C SER B 120 -10.03 -9.18 -27.75
N LYS B 121 -10.05 -8.14 -28.62
CA LYS B 121 -11.23 -7.31 -28.85
C LYS B 121 -12.41 -8.14 -29.39
N ASP B 122 -12.10 -9.19 -30.20
CA ASP B 122 -13.13 -10.09 -30.76
C ASP B 122 -13.82 -10.89 -29.66
N ASP B 123 -13.02 -11.48 -28.75
CA ASP B 123 -13.47 -12.29 -27.63
C ASP B 123 -14.37 -11.50 -26.68
N PHE B 124 -14.14 -10.18 -26.58
CA PHE B 124 -14.94 -9.29 -25.75
C PHE B 124 -16.31 -9.10 -26.39
N HIS B 125 -16.34 -9.04 -27.74
CA HIS B 125 -17.56 -8.90 -28.54
C HIS B 125 -18.34 -10.20 -28.45
N ARG B 126 -17.65 -11.35 -28.58
CA ARG B 126 -18.23 -12.68 -28.51
C ARG B 126 -18.89 -12.94 -27.14
N ALA B 127 -18.38 -12.30 -26.07
CA ALA B 127 -18.90 -12.39 -24.70
C ALA B 127 -20.12 -11.47 -24.46
N GLY B 128 -20.61 -10.79 -25.51
CA GLY B 128 -21.78 -9.92 -25.49
C GLY B 128 -21.59 -8.42 -25.41
N LEU B 129 -20.35 -7.94 -25.27
CA LEU B 129 -20.06 -6.51 -25.16
C LEU B 129 -20.16 -5.80 -26.52
N GLN B 130 -20.52 -4.51 -26.49
CA GLN B 130 -20.62 -3.68 -27.69
C GLN B 130 -19.30 -2.90 -27.90
N VAL B 131 -18.96 -2.61 -29.17
CA VAL B 131 -17.74 -1.91 -29.58
C VAL B 131 -17.62 -0.50 -28.96
N GLU B 132 -18.77 0.17 -28.69
CA GLU B 132 -18.82 1.49 -28.05
C GLU B 132 -18.22 1.41 -26.66
N PHE B 133 -18.16 0.21 -26.08
CA PHE B 133 -17.57 0.00 -24.77
C PHE B 133 -16.21 -0.67 -24.92
N ILE B 134 -16.05 -1.58 -25.90
CA ILE B 134 -14.79 -2.29 -26.15
C ILE B 134 -13.65 -1.31 -26.53
N ASN B 135 -13.86 -0.47 -27.57
CA ASN B 135 -12.85 0.49 -28.05
C ASN B 135 -12.41 1.42 -26.90
N PRO B 136 -13.28 2.04 -26.06
CA PRO B 136 -12.79 2.84 -24.92
C PRO B 136 -12.00 2.04 -23.89
N ILE B 137 -12.31 0.74 -23.70
CA ILE B 137 -11.63 -0.15 -22.76
C ILE B 137 -10.19 -0.33 -23.23
N PHE B 138 -10.01 -0.61 -24.53
CA PHE B 138 -8.68 -0.79 -25.12
C PHE B 138 -7.96 0.56 -25.35
N GLU B 139 -8.72 1.68 -25.58
CA GLU B 139 -8.12 3.00 -25.77
C GLU B 139 -7.57 3.54 -24.43
N PHE B 140 -8.17 3.07 -23.31
CA PHE B 140 -7.74 3.44 -21.97
C PHE B 140 -6.59 2.54 -21.55
N SER B 141 -6.70 1.23 -21.84
CA SER B 141 -5.69 0.22 -21.52
C SER B 141 -4.35 0.61 -22.13
N ARG B 142 -4.35 0.99 -23.42
CA ARG B 142 -3.11 1.36 -24.10
C ARG B 142 -2.61 2.77 -23.66
N ALA B 143 -3.50 3.62 -23.11
CA ALA B 143 -3.14 4.95 -22.59
C ALA B 143 -2.52 4.82 -21.18
N MET B 144 -2.90 3.76 -20.45
CA MET B 144 -2.38 3.45 -19.12
C MET B 144 -0.96 2.89 -19.27
N ARG B 145 -0.74 2.16 -20.39
CA ARG B 145 0.51 1.55 -20.76
C ARG B 145 1.55 2.64 -21.07
N ARG B 146 1.17 3.67 -21.87
CA ARG B 146 2.05 4.79 -22.26
C ARG B 146 2.61 5.47 -21.02
N LEU B 147 1.74 5.62 -20.00
CA LEU B 147 2.08 6.23 -18.72
C LEU B 147 3.06 5.33 -17.96
N GLY B 148 2.88 4.01 -18.11
CA GLY B 148 3.69 2.95 -17.53
C GLY B 148 3.85 3.02 -16.04
N LEU B 149 2.80 2.63 -15.31
CA LEU B 149 2.76 2.64 -13.86
C LEU B 149 3.36 1.39 -13.21
N ASP B 150 3.72 1.51 -11.92
CA ASP B 150 4.20 0.37 -11.14
C ASP B 150 3.04 -0.09 -10.22
N ASP B 151 3.26 -1.12 -9.41
CA ASP B 151 2.19 -1.64 -8.55
C ASP B 151 1.78 -0.68 -7.42
N ALA B 152 2.72 0.14 -6.94
CA ALA B 152 2.49 1.14 -5.90
C ALA B 152 1.60 2.24 -6.44
N GLU B 153 1.84 2.66 -7.69
CA GLU B 153 1.10 3.71 -8.39
C GLU B 153 -0.33 3.30 -8.67
N TYR B 154 -0.55 2.03 -9.06
CA TYR B 154 -1.86 1.48 -9.30
C TYR B 154 -2.64 1.45 -7.99
N ALA B 155 -2.00 0.91 -6.93
CA ALA B 155 -2.60 0.80 -5.61
C ALA B 155 -3.05 2.13 -5.01
N LEU B 156 -2.25 3.21 -5.17
CA LEU B 156 -2.54 4.56 -4.67
C LEU B 156 -3.68 5.21 -5.43
N LEU B 157 -3.70 5.04 -6.77
CA LEU B 157 -4.72 5.55 -7.67
C LEU B 157 -6.08 4.90 -7.32
N ILE B 158 -6.09 3.57 -6.99
CA ILE B 158 -7.29 2.82 -6.57
C ILE B 158 -7.77 3.41 -5.25
N ALA B 159 -6.83 3.65 -4.31
CA ALA B 159 -7.16 4.23 -3.01
C ALA B 159 -7.76 5.65 -3.17
N ILE B 160 -7.17 6.53 -4.03
CA ILE B 160 -7.66 7.89 -4.30
C ILE B 160 -9.09 7.85 -4.89
N ASN B 161 -9.33 6.92 -5.85
CA ASN B 161 -10.60 6.69 -6.53
C ASN B 161 -11.72 6.35 -5.54
N ILE B 162 -11.42 5.51 -4.55
CA ILE B 162 -12.36 5.11 -3.49
C ILE B 162 -12.77 6.33 -2.68
N PHE B 163 -11.80 7.20 -2.35
CA PHE B 163 -12.15 8.36 -1.55
C PHE B 163 -12.55 9.62 -2.39
N SER B 164 -13.48 9.42 -3.34
CA SER B 164 -14.06 10.47 -4.17
C SER B 164 -15.37 10.86 -3.44
N ALA B 165 -15.37 12.03 -2.73
CA ALA B 165 -16.49 12.53 -1.91
C ALA B 165 -17.81 12.78 -2.66
N ASP B 166 -17.74 13.12 -3.96
CA ASP B 166 -18.83 13.44 -4.89
C ASP B 166 -19.74 12.27 -5.30
N ARG B 167 -19.54 11.07 -4.75
CA ARG B 167 -20.36 9.92 -5.12
C ARG B 167 -21.82 10.01 -4.66
N PRO B 168 -22.78 9.43 -5.42
CA PRO B 168 -24.18 9.48 -4.97
C PRO B 168 -24.42 8.83 -3.61
N ASN B 169 -25.12 9.56 -2.73
CA ASN B 169 -25.54 9.18 -1.38
C ASN B 169 -24.36 9.04 -0.36
N VAL B 170 -23.39 9.97 -0.45
CA VAL B 170 -22.26 10.01 0.47
C VAL B 170 -22.74 10.94 1.61
N GLN B 171 -22.92 10.35 2.80
CA GLN B 171 -23.41 10.99 4.01
C GLN B 171 -22.43 11.98 4.62
N GLU B 172 -21.13 11.61 4.66
CA GLU B 172 -20.10 12.46 5.22
C GLU B 172 -19.03 12.82 4.21
N PRO B 173 -19.31 13.75 3.25
CA PRO B 173 -18.29 14.11 2.25
C PRO B 173 -16.97 14.65 2.84
N GLY B 174 -17.06 15.28 4.02
CA GLY B 174 -15.92 15.82 4.75
C GLY B 174 -14.93 14.76 5.19
N ARG B 175 -15.42 13.64 5.75
CA ARG B 175 -14.58 12.53 6.20
C ARG B 175 -13.84 11.85 5.02
N VAL B 176 -14.56 11.65 3.90
CA VAL B 176 -14.09 11.05 2.65
C VAL B 176 -13.01 11.94 1.99
N GLU B 177 -13.26 13.28 1.90
CA GLU B 177 -12.29 14.22 1.33
C GLU B 177 -11.02 14.26 2.18
N ALA B 178 -11.17 14.08 3.52
CA ALA B 178 -10.06 14.04 4.50
C ALA B 178 -9.23 12.75 4.38
N LEU B 179 -9.88 11.63 4.03
CA LEU B 179 -9.20 10.35 3.86
C LEU B 179 -8.44 10.31 2.52
N GLN B 180 -8.91 11.08 1.54
CA GLN B 180 -8.29 11.12 0.23
C GLN B 180 -6.97 11.83 0.17
N GLN B 181 -6.86 13.05 0.76
CA GLN B 181 -5.64 13.88 0.74
C GLN B 181 -4.36 13.12 1.14
N PRO B 182 -4.25 12.38 2.28
CA PRO B 182 -2.98 11.65 2.54
C PRO B 182 -2.53 10.69 1.44
N TYR B 183 -3.47 10.09 0.69
CA TYR B 183 -3.16 9.18 -0.42
C TYR B 183 -2.73 9.92 -1.67
N VAL B 184 -3.20 11.18 -1.81
CA VAL B 184 -2.89 12.09 -2.92
C VAL B 184 -1.48 12.64 -2.73
N GLU B 185 -1.13 13.01 -1.47
CA GLU B 185 0.20 13.51 -1.15
C GLU B 185 1.22 12.38 -1.23
N ALA B 186 0.79 11.14 -0.93
CA ALA B 186 1.62 9.93 -1.01
C ALA B 186 1.92 9.63 -2.50
N LEU B 187 0.93 9.89 -3.41
CA LEU B 187 1.12 9.67 -4.84
C LEU B 187 2.08 10.74 -5.42
N LEU B 188 1.87 12.01 -5.04
CA LEU B 188 2.71 13.15 -5.43
C LEU B 188 4.16 12.82 -5.07
N SER B 189 4.44 12.51 -3.79
CA SER B 189 5.77 12.16 -3.26
C SER B 189 6.41 10.96 -3.96
N TYR B 190 5.67 9.86 -4.10
CA TYR B 190 6.13 8.63 -4.75
C TYR B 190 6.51 8.87 -6.21
N THR B 191 5.63 9.53 -7.00
CA THR B 191 5.89 9.83 -8.41
C THR B 191 7.11 10.75 -8.59
N ARG B 192 7.28 11.76 -7.71
CA ARG B 192 8.39 12.72 -7.78
C ARG B 192 9.73 12.05 -7.42
N ILE B 193 9.68 11.07 -6.48
CA ILE B 193 10.85 10.30 -6.12
C ILE B 193 11.15 9.23 -7.22
N LYS B 194 10.10 8.71 -7.90
CA LYS B 194 10.27 7.71 -8.97
C LYS B 194 10.90 8.34 -10.20
N ARG B 195 10.29 9.41 -10.74
CA ARG B 195 10.83 10.12 -11.90
C ARG B 195 11.19 11.55 -11.49
N PRO B 196 12.41 11.78 -10.93
CA PRO B 196 12.79 13.14 -10.51
C PRO B 196 12.83 14.17 -11.63
N GLN B 197 13.04 13.69 -12.86
CA GLN B 197 13.11 14.51 -14.06
C GLN B 197 11.73 14.86 -14.64
N ASP B 198 10.77 13.89 -14.66
CA ASP B 198 9.41 14.15 -15.18
C ASP B 198 8.37 14.49 -14.09
N GLN B 199 8.11 15.80 -13.94
CA GLN B 199 7.17 16.37 -12.97
C GLN B 199 5.70 16.19 -13.39
N LEU B 200 5.47 15.99 -14.69
CA LEU B 200 4.13 15.80 -15.26
C LEU B 200 3.49 14.45 -14.98
N ARG B 201 4.24 13.50 -14.39
CA ARG B 201 3.76 12.15 -14.05
C ARG B 201 2.50 12.22 -13.17
N PHE B 202 2.56 12.93 -12.04
CA PHE B 202 1.49 13.09 -11.08
C PHE B 202 0.21 13.75 -11.67
N PRO B 203 0.22 14.96 -12.32
CA PRO B 203 -1.04 15.46 -12.90
C PRO B 203 -1.60 14.50 -13.97
N ARG B 204 -0.71 13.77 -14.70
CA ARG B 204 -1.12 12.79 -15.69
C ARG B 204 -1.89 11.64 -15.05
N MET B 205 -1.51 11.24 -13.81
CA MET B 205 -2.16 10.17 -13.04
C MET B 205 -3.56 10.65 -12.59
N LEU B 206 -3.62 11.82 -11.94
CA LEU B 206 -4.87 12.39 -11.45
C LEU B 206 -5.88 12.58 -12.56
N MET B 207 -5.42 12.98 -13.77
CA MET B 207 -6.29 13.16 -14.93
C MET B 207 -6.92 11.86 -15.43
N LYS B 208 -6.31 10.70 -15.11
CA LYS B 208 -6.85 9.38 -15.47
C LYS B 208 -8.16 9.10 -14.72
N LEU B 209 -8.38 9.81 -13.60
CA LEU B 209 -9.58 9.69 -12.79
C LEU B 209 -10.74 10.39 -13.48
N VAL B 210 -10.44 11.38 -14.34
CA VAL B 210 -11.43 12.15 -15.11
C VAL B 210 -11.89 11.25 -16.27
N SER B 211 -10.94 10.51 -16.89
CA SER B 211 -11.15 9.58 -17.98
C SER B 211 -12.01 8.41 -17.49
N LEU B 212 -11.80 7.98 -16.24
CA LEU B 212 -12.57 6.89 -15.62
C LEU B 212 -14.03 7.27 -15.50
N ARG B 213 -14.31 8.59 -15.32
CA ARG B 213 -15.67 9.13 -15.21
C ARG B 213 -16.44 8.95 -16.50
N THR B 214 -15.77 9.13 -17.66
CA THR B 214 -16.35 8.95 -18.99
C THR B 214 -16.58 7.47 -19.22
N LEU B 215 -15.64 6.62 -18.80
CA LEU B 215 -15.74 5.17 -18.97
C LEU B 215 -16.90 4.58 -18.18
N SER B 216 -17.29 5.21 -17.04
CA SER B 216 -18.44 4.78 -16.25
C SER B 216 -19.66 5.09 -17.05
N SER B 217 -19.70 6.30 -17.65
CA SER B 217 -20.81 6.80 -18.47
C SER B 217 -21.02 5.86 -19.68
N VAL B 218 -19.91 5.37 -20.27
CA VAL B 218 -19.91 4.45 -21.40
C VAL B 218 -20.34 3.04 -20.93
N HIS B 219 -20.02 2.68 -19.67
CA HIS B 219 -20.42 1.41 -19.08
C HIS B 219 -21.95 1.40 -18.90
N SER B 220 -22.53 2.55 -18.51
CA SER B 220 -23.97 2.74 -18.34
C SER B 220 -24.70 2.50 -19.66
N GLU B 221 -24.11 2.97 -20.78
CA GLU B 221 -24.69 2.79 -22.12
C GLU B 221 -24.68 1.30 -22.49
N GLN B 222 -23.64 0.57 -22.03
CA GLN B 222 -23.51 -0.85 -22.27
C GLN B 222 -24.56 -1.66 -21.51
N VAL B 223 -24.84 -1.29 -20.24
CA VAL B 223 -25.82 -1.97 -19.39
C VAL B 223 -27.22 -1.71 -19.95
N PHE B 224 -27.47 -0.49 -20.46
CA PHE B 224 -28.74 -0.11 -21.07
C PHE B 224 -28.99 -1.04 -22.31
N ALA B 225 -27.91 -1.29 -23.10
CA ALA B 225 -27.90 -2.15 -24.26
C ALA B 225 -28.15 -3.60 -23.84
N LEU B 226 -27.56 -4.03 -22.69
CA LEU B 226 -27.72 -5.39 -22.17
C LEU B 226 -29.20 -5.64 -21.86
N ARG B 227 -29.91 -4.60 -21.36
CA ARG B 227 -31.34 -4.70 -21.03
C ARG B 227 -32.19 -4.83 -22.30
N LEU B 228 -31.78 -4.18 -23.41
CA LEU B 228 -32.45 -4.31 -24.71
C LEU B 228 -32.35 -5.77 -25.17
N GLN B 229 -31.13 -6.35 -25.05
CA GLN B 229 -30.75 -7.72 -25.44
C GLN B 229 -31.29 -8.84 -24.54
N ASP B 230 -32.01 -8.47 -23.48
CA ASP B 230 -32.63 -9.37 -22.49
C ASP B 230 -31.57 -10.20 -21.73
N LYS B 231 -30.39 -9.59 -21.54
CA LYS B 231 -29.28 -10.19 -20.80
C LYS B 231 -29.46 -9.88 -19.32
N LYS B 232 -29.62 -10.93 -18.52
CA LYS B 232 -29.86 -10.90 -17.08
C LYS B 232 -28.56 -10.92 -16.28
N LEU B 233 -28.28 -9.81 -15.57
CA LEU B 233 -27.11 -9.68 -14.70
C LEU B 233 -27.41 -10.27 -13.33
N PRO B 234 -26.45 -10.94 -12.66
CA PRO B 234 -26.72 -11.49 -11.32
C PRO B 234 -26.95 -10.40 -10.26
N PRO B 235 -27.70 -10.72 -9.16
CA PRO B 235 -27.99 -9.71 -8.11
C PRO B 235 -26.85 -8.74 -7.76
N LEU B 236 -25.66 -9.25 -7.39
CA LEU B 236 -24.49 -8.43 -7.03
C LEU B 236 -24.23 -7.30 -8.04
N LEU B 237 -24.12 -7.65 -9.35
CA LEU B 237 -23.88 -6.68 -10.42
C LEU B 237 -25.06 -5.75 -10.66
N SER B 238 -26.29 -6.29 -10.53
CA SER B 238 -27.53 -5.54 -10.69
C SER B 238 -27.65 -4.44 -9.61
N GLU B 239 -27.23 -4.77 -8.37
CA GLU B 239 -27.25 -3.87 -7.23
C GLU B 239 -26.21 -2.74 -7.33
N ILE B 240 -24.99 -3.09 -7.69
CA ILE B 240 -23.88 -2.15 -7.81
C ILE B 240 -24.09 -1.17 -8.96
N TRP B 241 -24.70 -1.66 -10.08
CA TRP B 241 -24.91 -0.84 -11.27
C TRP B 241 -26.37 -0.36 -11.51
N ASP B 242 -27.34 -0.65 -10.61
CA ASP B 242 -28.77 -0.22 -10.73
C ASP B 242 -29.39 -0.68 -12.06
N VAL B 243 -29.55 -2.00 -12.19
CA VAL B 243 -30.02 -2.60 -13.42
C VAL B 243 -31.46 -3.12 -13.36
N HIS B 244 -31.69 -4.22 -12.64
CA HIS B 244 -33.01 -4.85 -12.58
C HIS B 244 -33.83 -4.47 -11.37
N GLU B 245 -35.17 -4.52 -11.54
CA GLU B 245 -36.16 -4.25 -10.51
C GLU B 245 -36.01 -5.35 -9.44
N GLY B 246 -35.79 -4.91 -8.20
CA GLY B 246 -35.60 -5.81 -7.06
C GLY B 246 -34.21 -5.67 -6.49
N SER B 247 -33.22 -6.28 -7.17
CA SER B 247 -31.80 -6.22 -6.75
C SER B 247 -31.23 -4.81 -6.96
N GLY B 248 -31.68 -4.13 -8.02
CA GLY B 248 -31.27 -2.77 -8.35
C GLY B 248 -31.67 -1.72 -7.34
N SER B 249 -32.61 -2.09 -6.41
CA SER B 249 -33.14 -1.26 -5.31
C SER B 249 -32.29 -1.42 -4.04
N GLY B 250 -31.38 -2.40 -4.05
CA GLY B 250 -30.49 -2.73 -2.95
C GLY B 250 -31.14 -3.51 -1.84
N SER B 251 -32.41 -3.98 -2.06
CA SER B 251 -33.22 -4.74 -1.11
C SER B 251 -32.54 -6.05 -0.70
N HIS B 252 -31.70 -6.59 -1.60
CA HIS B 252 -30.93 -7.80 -1.42
C HIS B 252 -29.80 -7.60 -0.39
N LYS B 253 -29.29 -6.36 -0.27
CA LYS B 253 -28.22 -5.94 0.66
C LYS B 253 -26.95 -6.81 0.56
N ILE B 254 -26.49 -7.10 -0.67
CA ILE B 254 -25.32 -7.95 -0.95
C ILE B 254 -24.05 -7.22 -0.59
N LEU B 255 -23.81 -6.04 -1.18
CA LEU B 255 -22.65 -5.22 -0.93
C LEU B 255 -22.48 -4.98 0.57
N HIS B 256 -23.59 -4.84 1.31
CA HIS B 256 -23.64 -4.66 2.76
C HIS B 256 -23.13 -5.91 3.46
N ARG B 257 -23.66 -7.10 3.08
CA ARG B 257 -23.31 -8.42 3.62
C ARG B 257 -21.84 -8.76 3.32
N LEU B 258 -21.37 -8.36 2.13
CA LEU B 258 -20.00 -8.54 1.66
C LEU B 258 -19.06 -7.72 2.54
N LEU B 259 -19.47 -6.47 2.88
CA LEU B 259 -18.70 -5.56 3.74
C LEU B 259 -18.71 -6.01 5.19
N GLN B 260 -19.86 -6.52 5.71
CA GLN B 260 -20.00 -7.02 7.10
C GLN B 260 -18.94 -8.09 7.40
N ASP B 261 -18.71 -9.02 6.45
CA ASP B 261 -17.71 -10.11 6.46
C ASP B 261 -17.81 -10.97 5.20
N MET C 1 25.72 -4.72 36.95
CA MET C 1 24.37 -5.06 36.47
C MET C 1 23.52 -5.92 37.48
N PRO C 2 23.18 -5.44 38.70
CA PRO C 2 22.37 -6.29 39.60
C PRO C 2 20.87 -6.27 39.28
N VAL C 3 20.21 -7.45 39.41
CA VAL C 3 18.78 -7.66 39.14
C VAL C 3 17.85 -6.87 40.12
N ASP C 4 18.35 -6.50 41.34
CA ASP C 4 17.60 -5.72 42.33
C ASP C 4 17.31 -4.32 41.76
N ARG C 5 18.32 -3.69 41.11
CA ARG C 5 18.23 -2.36 40.49
C ARG C 5 17.24 -2.34 39.33
N ILE C 6 17.17 -3.45 38.57
CA ILE C 6 16.27 -3.63 37.44
C ILE C 6 14.82 -3.81 37.98
N LEU C 7 14.64 -4.60 39.08
CA LEU C 7 13.33 -4.79 39.68
C LEU C 7 12.83 -3.47 40.27
N GLU C 8 13.73 -2.73 40.94
CA GLU C 8 13.51 -1.40 41.53
C GLU C 8 12.92 -0.44 40.48
N ALA C 9 13.46 -0.49 39.22
CA ALA C 9 13.05 0.30 38.07
C ALA C 9 11.65 -0.09 37.58
N GLU C 10 11.31 -1.40 37.57
CA GLU C 10 9.97 -1.82 37.14
C GLU C 10 8.89 -1.45 38.17
N LEU C 11 9.27 -1.37 39.47
CA LEU C 11 8.34 -0.99 40.51
C LEU C 11 8.19 0.52 40.62
N ALA C 12 9.30 1.29 40.49
CA ALA C 12 9.28 2.76 40.53
C ALA C 12 8.37 3.38 39.47
N VAL C 13 8.06 2.63 38.40
CA VAL C 13 7.19 3.08 37.33
C VAL C 13 5.78 2.45 37.48
N GLU C 14 5.33 2.32 38.76
CA GLU C 14 4.02 1.76 39.17
C GLU C 14 3.87 0.29 38.72
N PRO C 37 -11.57 5.13 19.47
CA PRO C 37 -11.35 3.85 20.18
C PRO C 37 -9.92 3.30 20.03
N VAL C 38 -9.02 4.14 19.46
CA VAL C 38 -7.59 3.86 19.22
C VAL C 38 -6.73 5.03 19.73
N THR C 39 -7.40 6.18 20.01
CA THR C 39 -6.81 7.41 20.53
C THR C 39 -6.37 7.15 21.99
N ASN C 40 -6.98 6.13 22.61
CA ASN C 40 -6.73 5.66 23.97
C ASN C 40 -5.35 5.03 24.04
N ILE C 41 -4.93 4.35 22.94
CA ILE C 41 -3.63 3.70 22.79
C ILE C 41 -2.58 4.81 22.61
N CYS C 42 -2.88 5.83 21.78
CA CYS C 42 -1.99 6.96 21.54
C CYS C 42 -1.80 7.79 22.80
N GLN C 43 -2.89 8.08 23.54
CA GLN C 43 -2.85 8.86 24.78
C GLN C 43 -2.13 8.09 25.90
N ALA C 44 -2.27 6.75 25.92
CA ALA C 44 -1.59 5.91 26.91
C ALA C 44 -0.10 5.80 26.52
N ALA C 45 0.18 5.70 25.20
CA ALA C 45 1.54 5.62 24.67
C ALA C 45 2.31 6.89 24.98
N ASP C 46 1.64 8.08 24.91
CA ASP C 46 2.26 9.37 25.21
C ASP C 46 2.63 9.52 26.68
N LYS C 47 1.68 9.23 27.58
CA LYS C 47 1.82 9.28 29.03
C LYS C 47 2.99 8.41 29.46
N GLN C 48 3.09 7.20 28.87
CA GLN C 48 4.10 6.18 29.13
C GLN C 48 5.48 6.52 28.62
N LEU C 49 5.58 7.43 27.66
CA LEU C 49 6.87 7.85 27.13
C LEU C 49 7.66 8.70 28.14
N PHE C 50 6.96 9.38 29.09
CA PHE C 50 7.63 10.18 30.13
C PHE C 50 8.13 9.21 31.19
N THR C 51 7.31 8.18 31.47
CA THR C 51 7.56 7.12 32.43
C THR C 51 8.76 6.27 31.98
N LEU C 52 8.89 6.04 30.65
CA LEU C 52 9.97 5.22 30.07
C LEU C 52 11.36 5.84 30.24
N VAL C 53 11.48 7.17 30.08
CA VAL C 53 12.75 7.87 30.24
C VAL C 53 13.18 7.70 31.71
N GLU C 54 12.26 7.93 32.67
CA GLU C 54 12.51 7.78 34.09
C GLU C 54 12.95 6.35 34.40
N TRP C 55 12.29 5.34 33.77
CA TRP C 55 12.62 3.92 33.94
C TRP C 55 14.05 3.65 33.44
N ALA C 56 14.38 4.13 32.22
CA ALA C 56 15.68 3.99 31.58
C ALA C 56 16.83 4.55 32.42
N LYS C 57 16.57 5.69 33.11
CA LYS C 57 17.52 6.38 34.00
C LYS C 57 17.85 5.54 35.24
N ARG C 58 16.96 4.58 35.60
CA ARG C 58 17.12 3.68 36.74
C ARG C 58 17.86 2.38 36.39
N ILE C 59 18.00 2.05 35.09
CA ILE C 59 18.69 0.85 34.63
C ILE C 59 20.19 1.07 34.76
N PRO C 60 20.95 0.18 35.48
CA PRO C 60 22.40 0.40 35.63
C PRO C 60 23.16 0.78 34.37
N HIS C 61 24.06 1.77 34.54
CA HIS C 61 24.98 2.33 33.54
C HIS C 61 24.34 2.99 32.30
N PHE C 62 23.01 3.03 32.18
CA PHE C 62 22.35 3.69 31.04
C PHE C 62 22.63 5.21 31.04
N SER C 63 22.46 5.87 32.19
CA SER C 63 22.72 7.30 32.28
C SER C 63 24.21 7.65 32.15
N SER C 64 25.11 6.64 32.27
CA SER C 64 26.56 6.79 32.14
C SER C 64 26.94 6.92 30.65
N LEU C 65 26.02 6.51 29.74
CA LEU C 65 26.19 6.57 28.28
C LEU C 65 26.15 8.04 27.80
N PRO C 66 26.72 8.38 26.62
CA PRO C 66 26.65 9.78 26.14
C PRO C 66 25.22 10.16 25.79
N LEU C 67 24.79 11.39 26.15
CA LEU C 67 23.43 11.89 25.90
C LEU C 67 22.87 11.51 24.52
N ASP C 68 23.66 11.68 23.44
CA ASP C 68 23.25 11.35 22.07
C ASP C 68 22.93 9.84 21.89
N ASP C 69 23.73 8.95 22.53
CA ASP C 69 23.52 7.49 22.49
C ASP C 69 22.30 7.08 23.33
N GLN C 70 22.04 7.80 24.45
CA GLN C 70 20.87 7.60 25.32
C GLN C 70 19.61 7.93 24.49
N VAL C 71 19.70 9.00 23.66
CA VAL C 71 18.65 9.48 22.75
C VAL C 71 18.38 8.41 21.69
N ILE C 72 19.44 7.90 21.03
CA ILE C 72 19.38 6.86 20.01
C ILE C 72 18.71 5.60 20.56
N LEU C 73 19.16 5.09 21.73
CA LEU C 73 18.60 3.87 22.36
C LEU C 73 17.12 3.96 22.70
N LEU C 74 16.64 5.15 23.12
CA LEU C 74 15.22 5.34 23.46
C LEU C 74 14.39 5.50 22.18
N ARG C 75 14.93 6.21 21.17
CA ARG C 75 14.26 6.41 19.88
C ARG C 75 14.09 5.07 19.17
N ALA C 76 15.13 4.20 19.21
CA ALA C 76 15.10 2.91 18.56
C ALA C 76 14.23 1.87 19.27
N GLY C 77 14.32 1.81 20.61
CA GLY C 77 13.58 0.83 21.39
C GLY C 77 12.24 1.13 22.03
N TRP C 78 11.82 2.42 22.13
CA TRP C 78 10.58 2.85 22.82
C TRP C 78 9.34 2.02 22.52
N ASN C 79 9.14 1.63 21.26
CA ASN C 79 7.96 0.90 20.85
C ASN C 79 7.87 -0.50 21.50
N GLU C 80 8.91 -1.36 21.29
CA GLU C 80 8.99 -2.70 21.89
C GLU C 80 8.93 -2.61 23.43
N LEU C 81 9.64 -1.63 24.03
CA LEU C 81 9.65 -1.40 25.48
C LEU C 81 8.24 -1.20 26.04
N LEU C 82 7.42 -0.35 25.39
CA LEU C 82 6.03 -0.12 25.79
C LEU C 82 5.18 -1.40 25.57
N ILE C 83 5.36 -2.11 24.41
CA ILE C 83 4.61 -3.34 24.13
C ILE C 83 4.89 -4.42 25.21
N ALA C 84 6.15 -4.57 25.64
CA ALA C 84 6.51 -5.54 26.68
C ALA C 84 5.84 -5.16 28.02
N SER C 85 5.70 -3.83 28.30
CA SER C 85 5.08 -3.32 29.52
C SER C 85 3.60 -3.62 29.62
N PHE C 86 2.84 -3.30 28.54
CA PHE C 86 1.41 -3.51 28.56
C PHE C 86 1.02 -4.98 28.36
N SER C 87 1.88 -5.82 27.79
CA SER C 87 1.58 -7.24 27.63
C SER C 87 1.60 -7.85 29.03
N HIS C 88 2.68 -7.56 29.79
CA HIS C 88 2.84 -8.04 31.16
C HIS C 88 1.78 -7.43 32.10
N ARG C 89 1.33 -6.19 31.84
CA ARG C 89 0.30 -5.51 32.63
C ARG C 89 -1.06 -6.26 32.49
N SER C 90 -1.32 -6.79 31.28
CA SER C 90 -2.52 -7.54 30.90
C SER C 90 -2.49 -9.04 31.25
N ILE C 91 -1.46 -9.53 31.99
CA ILE C 91 -1.42 -10.97 32.30
C ILE C 91 -2.63 -11.39 33.15
N ASP C 92 -3.00 -10.59 34.15
CA ASP C 92 -4.12 -10.86 35.06
C ASP C 92 -5.49 -10.51 34.42
N VAL C 93 -5.46 -9.95 33.21
CA VAL C 93 -6.65 -9.57 32.46
C VAL C 93 -6.86 -10.58 31.35
N ARG C 94 -8.11 -11.05 31.18
CA ARG C 94 -8.38 -11.99 30.11
C ARG C 94 -8.99 -11.27 28.89
N ASP C 95 -8.92 -11.92 27.71
CA ASP C 95 -9.44 -11.52 26.39
C ASP C 95 -8.97 -10.13 25.82
N GLY C 96 -8.27 -9.30 26.61
CA GLY C 96 -7.84 -7.98 26.14
C GLY C 96 -6.54 -7.41 26.69
N ILE C 97 -6.29 -6.10 26.43
CA ILE C 97 -5.10 -5.34 26.82
C ILE C 97 -5.39 -4.19 27.81
N LEU C 98 -4.65 -4.15 28.93
CA LEU C 98 -4.79 -3.10 29.94
C LEU C 98 -3.73 -2.04 29.76
N LEU C 99 -4.15 -0.79 29.62
CA LEU C 99 -3.28 0.36 29.44
C LEU C 99 -2.98 1.12 30.76
N ALA C 100 -1.88 1.88 30.78
CA ALA C 100 -1.43 2.66 31.93
C ALA C 100 -2.38 3.80 32.37
N THR C 101 -3.27 4.25 31.45
CA THR C 101 -4.26 5.31 31.71
C THR C 101 -5.46 4.80 32.51
N GLY C 102 -5.57 3.48 32.65
CA GLY C 102 -6.65 2.81 33.36
C GLY C 102 -7.64 2.12 32.43
N LEU C 103 -7.49 2.36 31.12
CA LEU C 103 -8.36 1.83 30.07
C LEU C 103 -8.02 0.40 29.61
N HIS C 104 -9.05 -0.32 29.13
CA HIS C 104 -8.97 -1.68 28.65
C HIS C 104 -9.34 -1.73 27.16
N VAL C 105 -8.54 -2.43 26.36
CA VAL C 105 -8.78 -2.62 24.92
C VAL C 105 -9.23 -4.07 24.73
N HIS C 106 -10.43 -4.28 24.21
CA HIS C 106 -10.95 -5.61 23.97
C HIS C 106 -10.88 -5.93 22.48
N ARG C 107 -11.03 -7.24 22.13
CA ARG C 107 -10.98 -7.80 20.77
C ARG C 107 -11.79 -7.04 19.73
N ASN C 108 -13.11 -6.88 19.98
CA ASN C 108 -14.06 -6.20 19.07
C ASN C 108 -13.66 -4.75 18.78
N SER C 109 -13.37 -3.95 19.83
CA SER C 109 -12.95 -2.55 19.71
C SER C 109 -11.81 -2.44 18.71
N ALA C 110 -10.74 -3.25 18.91
CA ALA C 110 -9.55 -3.30 18.08
C ALA C 110 -9.81 -3.81 16.66
N HIS C 111 -10.71 -4.79 16.51
CA HIS C 111 -11.04 -5.34 15.20
C HIS C 111 -11.70 -4.30 14.29
N SER C 112 -12.76 -3.62 14.77
CA SER C 112 -13.47 -2.59 14.00
C SER C 112 -12.61 -1.31 13.84
N ALA C 113 -11.54 -1.17 14.65
CA ALA C 113 -10.61 -0.05 14.59
C ALA C 113 -9.52 -0.33 13.55
N GLY C 114 -9.54 -1.53 12.97
CA GLY C 114 -8.59 -1.97 11.95
C GLY C 114 -7.22 -2.40 12.43
N VAL C 115 -7.13 -2.92 13.67
CA VAL C 115 -5.89 -3.40 14.30
C VAL C 115 -6.11 -4.76 15.01
N GLY C 116 -7.09 -5.53 14.52
CA GLY C 116 -7.47 -6.83 15.07
C GLY C 116 -6.39 -7.89 14.95
N ALA C 117 -5.74 -7.94 13.76
CA ALA C 117 -4.67 -8.89 13.44
C ALA C 117 -3.43 -8.67 14.33
N ILE C 118 -3.01 -7.39 14.55
CA ILE C 118 -1.87 -7.08 15.42
C ILE C 118 -2.24 -7.33 16.90
N PHE C 119 -3.52 -7.08 17.28
CA PHE C 119 -4.05 -7.28 18.63
C PHE C 119 -3.99 -8.77 19.01
N ASP C 120 -4.44 -9.65 18.09
CA ASP C 120 -4.47 -11.10 18.30
C ASP C 120 -3.06 -11.65 18.51
N ARG C 121 -2.09 -11.15 17.71
CA ARG C 121 -0.68 -11.51 17.79
C ARG C 121 -0.11 -11.14 19.15
N VAL C 122 -0.47 -9.95 19.70
CA VAL C 122 0.02 -9.53 21.02
C VAL C 122 -0.44 -10.54 22.08
N LEU C 123 -1.72 -10.88 22.07
CA LEU C 123 -2.33 -11.83 22.99
C LEU C 123 -1.67 -13.22 22.86
N THR C 124 -1.62 -13.74 21.61
CA THR C 124 -1.05 -15.05 21.26
C THR C 124 0.43 -15.19 21.62
N GLU C 125 1.26 -14.26 21.16
CA GLU C 125 2.69 -14.29 21.33
C GLU C 125 3.27 -13.71 22.60
N LEU C 126 2.66 -12.68 23.18
CA LEU C 126 3.26 -12.09 24.37
C LEU C 126 2.45 -12.22 25.66
N VAL C 127 1.17 -11.80 25.68
CA VAL C 127 0.35 -11.84 26.89
C VAL C 127 0.16 -13.27 27.43
N SER C 128 -0.43 -14.19 26.62
CA SER C 128 -0.70 -15.56 27.05
C SER C 128 0.57 -16.33 27.46
N LYS C 129 1.68 -16.13 26.73
CA LYS C 129 2.96 -16.77 27.03
C LYS C 129 3.48 -16.32 28.38
N MET C 130 3.39 -14.99 28.66
CA MET C 130 3.84 -14.38 29.91
C MET C 130 3.03 -14.93 31.08
N ARG C 131 1.73 -15.18 30.86
CA ARG C 131 0.81 -15.73 31.85
C ARG C 131 1.06 -17.24 32.04
N ASP C 132 1.32 -17.97 30.94
CA ASP C 132 1.59 -19.41 30.95
C ASP C 132 2.86 -19.75 31.73
N MET C 133 3.96 -18.98 31.50
CA MET C 133 5.23 -19.18 32.20
C MET C 133 5.28 -18.37 33.51
N ARG C 134 4.17 -17.65 33.81
CA ARG C 134 3.98 -16.77 34.96
C ARG C 134 5.28 -15.96 35.20
N MET C 135 5.67 -15.22 34.15
CA MET C 135 6.85 -14.39 34.08
C MET C 135 6.77 -13.26 35.08
N ASP C 136 7.80 -13.10 35.91
CA ASP C 136 7.82 -12.04 36.92
C ASP C 136 8.39 -10.71 36.37
N LYS C 137 8.44 -9.68 37.24
CA LYS C 137 8.86 -8.32 36.96
C LYS C 137 10.38 -8.16 36.88
N THR C 138 11.16 -9.15 37.40
CA THR C 138 12.62 -9.06 37.31
C THR C 138 12.96 -9.55 35.89
N GLU C 139 12.25 -10.60 35.43
CA GLU C 139 12.40 -11.19 34.11
C GLU C 139 11.94 -10.23 33.01
N LEU C 140 10.89 -9.41 33.28
CA LEU C 140 10.37 -8.45 32.32
C LEU C 140 11.35 -7.29 32.17
N GLY C 141 11.77 -6.73 33.31
CA GLY C 141 12.74 -5.65 33.34
C GLY C 141 14.06 -6.03 32.72
N CYS C 142 14.45 -7.31 32.86
CA CYS C 142 15.69 -7.82 32.28
C CYS C 142 15.57 -7.87 30.75
N LEU C 143 14.43 -8.36 30.22
CA LEU C 143 14.23 -8.40 28.76
C LEU C 143 14.15 -6.98 28.22
N ARG C 144 13.48 -6.09 28.97
CA ARG C 144 13.37 -4.70 28.60
C ARG C 144 14.76 -4.02 28.59
N ALA C 145 15.66 -4.42 29.50
CA ALA C 145 17.05 -3.90 29.57
C ALA C 145 17.81 -4.33 28.31
N ILE C 146 17.58 -5.59 27.88
CA ILE C 146 18.17 -6.19 26.68
C ILE C 146 17.62 -5.41 25.48
N ILE C 147 16.31 -5.02 25.48
CA ILE C 147 15.72 -4.23 24.39
C ILE C 147 16.35 -2.81 24.39
N LEU C 148 16.57 -2.25 25.58
CA LEU C 148 17.13 -0.92 25.77
C LEU C 148 18.54 -0.85 25.20
N PHE C 149 19.42 -1.77 25.64
CA PHE C 149 20.80 -1.79 25.19
C PHE C 149 20.95 -2.50 23.87
N ASN C 150 20.47 -1.87 22.77
CA ASN C 150 20.59 -2.46 21.44
C ASN C 150 21.86 -1.91 20.76
N PRO C 151 22.96 -2.69 20.67
CA PRO C 151 24.17 -2.16 20.01
C PRO C 151 24.04 -1.98 18.48
N ASP C 152 22.99 -2.58 17.87
CA ASP C 152 22.68 -2.51 16.44
C ASP C 152 21.97 -1.21 16.04
N ALA C 153 21.58 -0.36 17.02
CA ALA C 153 20.91 0.92 16.80
C ALA C 153 21.80 1.91 15.99
N LYS C 154 21.26 2.38 14.86
CA LYS C 154 21.94 3.31 13.95
C LYS C 154 22.27 4.62 14.65
N GLY C 155 23.53 5.01 14.57
CA GLY C 155 24.04 6.25 15.14
C GLY C 155 25.05 6.12 16.27
N LEU C 156 24.96 5.04 17.08
CA LEU C 156 25.85 4.80 18.23
C LEU C 156 27.33 4.99 17.93
N SER C 157 27.97 5.91 18.66
CA SER C 157 29.40 6.19 18.52
C SER C 157 30.25 5.12 19.21
N ASN C 158 29.66 4.42 20.21
CA ASN C 158 30.31 3.32 20.94
C ASN C 158 29.38 2.10 21.12
N PRO C 159 29.13 1.32 20.04
CA PRO C 159 28.27 0.13 20.17
C PRO C 159 28.89 -0.98 21.04
N SER C 160 30.25 -1.00 21.20
CA SER C 160 30.98 -1.97 22.01
C SER C 160 30.56 -1.84 23.48
N GLU C 161 30.50 -0.59 23.98
CA GLU C 161 30.09 -0.23 25.35
C GLU C 161 28.62 -0.64 25.59
N VAL C 162 27.76 -0.54 24.55
CA VAL C 162 26.34 -0.91 24.62
C VAL C 162 26.16 -2.46 24.64
N GLU C 163 26.96 -3.17 23.83
CA GLU C 163 26.98 -4.64 23.70
C GLU C 163 27.40 -5.29 25.02
N VAL C 164 28.40 -4.70 25.71
CA VAL C 164 28.92 -5.17 27.00
C VAL C 164 27.79 -5.12 28.05
N LEU C 165 27.01 -4.01 28.03
CA LEU C 165 25.88 -3.75 28.93
C LEU C 165 24.76 -4.78 28.79
N ARG C 166 24.41 -5.10 27.53
CA ARG C 166 23.38 -6.08 27.17
C ARG C 166 23.81 -7.47 27.63
N GLU C 167 25.09 -7.83 27.40
CA GLU C 167 25.66 -9.11 27.80
C GLU C 167 25.73 -9.25 29.30
N LYS C 168 25.91 -8.11 30.02
CA LYS C 168 25.91 -8.10 31.48
C LYS C 168 24.51 -8.52 31.97
N VAL C 169 23.43 -8.13 31.22
CA VAL C 169 22.03 -8.45 31.49
C VAL C 169 21.77 -9.94 31.19
N TYR C 170 22.27 -10.48 30.02
CA TYR C 170 22.13 -11.91 29.70
C TYR C 170 22.62 -12.70 30.92
N ALA C 171 23.83 -12.37 31.42
CA ALA C 171 24.47 -12.99 32.59
C ALA C 171 23.61 -12.94 33.86
N SER C 172 23.22 -11.74 34.28
CA SER C 172 22.40 -11.55 35.47
C SER C 172 21.07 -12.31 35.37
N LEU C 173 20.40 -12.25 34.20
CA LEU C 173 19.14 -12.93 33.98
C LEU C 173 19.24 -14.46 34.09
N GLU C 174 20.24 -15.08 33.41
CA GLU C 174 20.37 -16.53 33.48
C GLU C 174 20.69 -16.99 34.89
N THR C 175 21.52 -16.20 35.61
CA THR C 175 21.91 -16.44 37.01
C THR C 175 20.64 -16.39 37.85
N TYR C 176 19.79 -15.35 37.63
CA TYR C 176 18.52 -15.16 38.33
C TYR C 176 17.58 -16.32 38.08
N CYS C 177 17.41 -16.73 36.81
CA CYS C 177 16.53 -17.82 36.38
C CYS C 177 16.90 -19.13 37.00
N LYS C 178 18.20 -19.47 36.96
CA LYS C 178 18.71 -20.72 37.49
C LYS C 178 18.54 -20.84 39.02
N GLN C 179 18.78 -19.74 39.76
CA GLN C 179 18.65 -19.71 41.22
C GLN C 179 17.19 -19.53 41.71
N LYS C 180 16.30 -18.98 40.85
CA LYS C 180 14.87 -18.73 41.16
C LYS C 180 13.92 -19.83 40.65
N TYR C 181 14.20 -20.37 39.46
CA TYR C 181 13.41 -21.42 38.83
C TYR C 181 14.32 -22.63 38.46
N PRO C 182 14.88 -23.34 39.48
CA PRO C 182 15.75 -24.51 39.19
C PRO C 182 15.06 -25.65 38.46
N GLU C 183 13.73 -25.76 38.63
CA GLU C 183 12.84 -26.75 38.02
C GLU C 183 12.84 -26.57 36.48
N GLN C 184 12.81 -25.29 36.02
CA GLN C 184 12.77 -24.90 34.61
C GLN C 184 14.16 -24.72 33.98
N GLN C 185 14.58 -25.72 33.21
CA GLN C 185 15.88 -25.79 32.52
C GLN C 185 15.98 -24.81 31.32
N GLY C 186 14.90 -24.69 30.56
CA GLY C 186 14.84 -23.83 29.37
C GLY C 186 14.15 -22.50 29.57
N ARG C 187 13.98 -22.05 30.83
CA ARG C 187 13.34 -20.78 31.20
C ARG C 187 14.00 -19.58 30.55
N PHE C 188 15.34 -19.51 30.57
CA PHE C 188 16.11 -18.43 29.99
C PHE C 188 15.99 -18.38 28.44
N ALA C 189 16.00 -19.54 27.76
CA ALA C 189 15.85 -19.59 26.30
C ALA C 189 14.44 -19.08 25.94
N LYS C 190 13.42 -19.48 26.78
CA LYS C 190 12.01 -19.10 26.64
C LYS C 190 11.80 -17.58 26.72
N LEU C 191 12.53 -16.89 27.61
CA LEU C 191 12.43 -15.44 27.77
C LEU C 191 12.99 -14.72 26.54
N LEU C 192 14.19 -15.12 26.11
CA LEU C 192 14.87 -14.58 24.94
C LEU C 192 14.15 -14.90 23.64
N LEU C 193 13.47 -16.09 23.56
CA LEU C 193 12.74 -16.50 22.34
C LEU C 193 11.41 -15.74 22.14
N ARG C 194 11.03 -14.84 23.09
CA ARG C 194 9.84 -13.98 22.95
C ARG C 194 10.30 -12.66 22.30
N LEU C 195 11.62 -12.39 22.32
CA LEU C 195 12.24 -11.19 21.76
C LEU C 195 12.19 -11.13 20.22
N PRO C 196 12.44 -12.20 19.40
CA PRO C 196 12.30 -12.05 17.92
C PRO C 196 10.84 -11.73 17.55
N ALA C 197 9.87 -12.41 18.21
CA ALA C 197 8.43 -12.20 18.02
C ALA C 197 8.05 -10.75 18.38
N LEU C 198 8.60 -10.21 19.48
CA LEU C 198 8.35 -8.84 19.94
C LEU C 198 8.93 -7.83 18.95
N ARG C 199 10.07 -8.14 18.33
CA ARG C 199 10.67 -7.27 17.33
C ARG C 199 9.70 -7.11 16.16
N SER C 200 9.12 -8.23 15.67
CA SER C 200 8.18 -8.28 14.56
C SER C 200 6.83 -7.63 14.88
N ILE C 201 6.27 -7.88 16.08
CA ILE C 201 5.03 -7.27 16.57
C ILE C 201 5.30 -5.75 16.62
N GLY C 202 6.45 -5.36 17.20
CA GLY C 202 6.93 -3.99 17.34
C GLY C 202 6.85 -3.26 16.02
N LEU C 203 7.47 -3.83 14.97
CA LEU C 203 7.46 -3.29 13.61
C LEU C 203 6.03 -3.02 13.08
N LYS C 204 5.11 -4.01 13.19
CA LYS C 204 3.72 -3.88 12.74
C LYS C 204 2.92 -2.86 13.59
N CYS C 205 3.18 -2.79 14.91
CA CYS C 205 2.53 -1.82 15.80
C CYS C 205 2.89 -0.40 15.36
N LEU C 206 4.15 -0.18 14.96
CA LEU C 206 4.66 1.11 14.49
C LEU C 206 4.08 1.46 13.12
N GLU C 207 3.80 0.45 12.27
CA GLU C 207 3.20 0.67 10.95
C GLU C 207 1.81 1.31 11.18
N HIS C 208 0.99 0.71 12.07
CA HIS C 208 -0.34 1.19 12.40
C HIS C 208 -0.33 2.58 12.96
N LEU C 209 0.67 2.90 13.80
CA LEU C 209 0.84 4.22 14.40
C LEU C 209 1.08 5.27 13.30
N PHE C 210 1.81 4.88 12.23
CA PHE C 210 2.08 5.75 11.07
C PHE C 210 0.80 5.97 10.26
N PHE C 211 -0.11 4.98 10.24
CA PHE C 211 -1.37 5.06 9.50
C PHE C 211 -2.28 6.05 10.19
N PHE C 212 -2.40 5.98 11.55
CA PHE C 212 -3.22 6.91 12.33
C PHE C 212 -2.69 8.33 12.28
N LYS C 213 -1.38 8.49 12.02
CA LYS C 213 -0.70 9.77 11.90
C LYS C 213 -1.00 10.37 10.52
N LEU C 214 -0.97 9.57 9.45
CA LEU C 214 -1.24 10.03 8.09
C LEU C 214 -2.69 10.47 7.88
N ILE C 215 -3.64 9.73 8.49
CA ILE C 215 -5.06 10.04 8.41
C ILE C 215 -5.32 11.43 9.08
N GLY C 216 -4.78 11.61 10.29
CA GLY C 216 -4.89 12.86 11.04
C GLY C 216 -6.12 13.00 11.93
N ASP C 217 -7.07 12.03 11.83
CA ASP C 217 -8.32 11.99 12.60
C ASP C 217 -8.08 12.07 14.11
N THR C 218 -7.00 11.43 14.56
CA THR C 218 -6.54 11.36 15.94
C THR C 218 -5.47 12.44 16.18
N PRO C 219 -5.64 13.33 17.18
CA PRO C 219 -4.60 14.33 17.45
C PRO C 219 -3.50 13.71 18.33
N ILE C 220 -2.41 13.25 17.70
CA ILE C 220 -1.24 12.61 18.36
C ILE C 220 -0.48 13.66 19.20
N ASP C 221 -0.21 13.35 20.49
CA ASP C 221 0.52 14.29 21.35
C ASP C 221 1.99 14.42 20.96
N THR C 222 2.54 15.63 21.17
CA THR C 222 3.89 16.10 20.86
C THR C 222 5.01 15.14 21.18
N PHE C 223 4.93 14.37 22.27
CA PHE C 223 6.01 13.44 22.61
C PHE C 223 5.98 12.20 21.72
N LEU C 224 4.81 11.56 21.58
CA LEU C 224 4.64 10.38 20.72
C LEU C 224 4.96 10.77 19.27
N MET C 225 4.59 12.00 18.91
CA MET C 225 4.83 12.64 17.63
C MET C 225 6.32 12.72 17.36
N GLU C 226 7.08 13.12 18.37
CA GLU C 226 8.54 13.25 18.30
C GLU C 226 9.23 11.87 18.10
N MET C 227 8.73 10.83 18.79
CA MET C 227 9.25 9.47 18.69
C MET C 227 8.91 8.83 17.36
N LEU C 228 7.81 9.26 16.71
CA LEU C 228 7.43 8.71 15.41
C LEU C 228 8.31 9.30 14.30
N GLU C 229 8.26 10.64 14.08
CA GLU C 229 9.06 11.34 13.06
C GLU C 229 10.57 11.18 13.30
N ALA C 230 11.15 11.86 14.32
CA ALA C 230 12.57 11.78 14.70
C ALA C 230 13.56 11.85 13.50
N LYS C 243 14.65 19.31 21.87
CA LYS C 243 13.52 18.38 21.85
C LYS C 243 13.19 17.84 23.27
N ILE C 244 12.01 17.19 23.41
CA ILE C 244 11.45 16.61 24.64
C ILE C 244 12.40 15.61 25.29
N LEU C 245 12.79 14.57 24.54
CA LEU C 245 13.67 13.49 25.00
C LEU C 245 14.96 14.03 25.68
N HIS C 246 15.73 14.87 24.95
CA HIS C 246 16.98 15.51 25.39
C HIS C 246 16.82 16.19 26.73
N ARG C 247 15.71 16.92 26.90
CA ARG C 247 15.36 17.66 28.10
C ARG C 247 15.08 16.75 29.29
N LEU C 248 14.28 15.67 29.08
CA LEU C 248 13.90 14.68 30.10
C LEU C 248 15.11 13.89 30.61
N LEU C 249 16.08 13.61 29.72
CA LEU C 249 17.29 12.87 30.07
C LEU C 249 18.24 13.73 30.89
N GLN C 250 18.11 15.09 30.76
CA GLN C 250 18.89 16.09 31.48
C GLN C 250 18.10 16.62 32.70
N GLN D 3 26.77 -33.26 28.62
CA GLN D 3 25.37 -33.68 28.72
C GLN D 3 24.66 -33.77 27.33
N LEU D 4 25.43 -33.95 26.24
CA LEU D 4 24.90 -34.09 24.87
C LEU D 4 24.50 -35.55 24.70
N THR D 5 23.19 -35.83 24.50
CA THR D 5 22.68 -37.20 24.30
C THR D 5 23.11 -37.72 22.93
N ALA D 6 23.05 -39.04 22.73
CA ALA D 6 23.41 -39.68 21.47
C ALA D 6 22.43 -39.25 20.38
N ALA D 7 21.13 -39.07 20.75
CA ALA D 7 20.06 -38.64 19.85
C ALA D 7 20.27 -37.21 19.41
N GLN D 8 20.73 -36.34 20.33
CA GLN D 8 21.00 -34.93 20.03
C GLN D 8 22.19 -34.87 19.09
N GLU D 9 23.27 -35.63 19.42
CA GLU D 9 24.49 -35.73 18.63
C GLU D 9 24.20 -36.16 17.20
N LEU D 10 23.37 -37.20 17.03
CA LEU D 10 22.99 -37.75 15.74
C LEU D 10 22.14 -36.81 14.90
N MET D 11 21.21 -36.10 15.56
CA MET D 11 20.32 -35.14 14.93
C MET D 11 21.14 -33.96 14.40
N ILE D 12 22.11 -33.44 15.18
CA ILE D 12 23.00 -32.35 14.76
C ILE D 12 23.80 -32.84 13.53
N GLN D 13 24.28 -34.11 13.58
CA GLN D 13 25.03 -34.78 12.52
C GLN D 13 24.20 -34.78 11.20
N GLN D 14 22.89 -35.02 11.30
CA GLN D 14 21.99 -35.04 10.16
C GLN D 14 21.83 -33.66 9.54
N LEU D 15 21.78 -32.61 10.37
CA LEU D 15 21.64 -31.23 9.90
C LEU D 15 22.87 -30.78 9.10
N VAL D 16 24.10 -31.07 9.59
CA VAL D 16 25.39 -30.78 8.93
C VAL D 16 25.46 -31.57 7.62
N ALA D 17 25.10 -32.86 7.66
CA ALA D 17 25.11 -33.77 6.51
C ALA D 17 24.18 -33.28 5.40
N ALA D 18 22.91 -32.92 5.76
CA ALA D 18 21.92 -32.42 4.80
C ALA D 18 22.42 -31.09 4.23
N GLN D 19 22.92 -30.19 5.10
CA GLN D 19 23.48 -28.91 4.69
C GLN D 19 24.53 -29.13 3.58
N LEU D 20 25.50 -30.07 3.81
CA LEU D 20 26.54 -30.43 2.87
C LEU D 20 25.93 -31.01 1.59
N GLN D 21 24.99 -31.97 1.73
CA GLN D 21 24.27 -32.64 0.63
C GLN D 21 23.57 -31.62 -0.31
N CYS D 22 22.97 -30.57 0.28
CA CYS D 22 22.29 -29.49 -0.43
C CYS D 22 23.26 -28.59 -1.16
N ASN D 23 24.50 -28.41 -0.64
CA ASN D 23 25.53 -27.58 -1.27
C ASN D 23 26.00 -28.31 -2.52
N LYS D 24 26.13 -29.65 -2.43
CA LYS D 24 26.55 -30.50 -3.56
C LYS D 24 25.67 -30.18 -4.77
N ARG D 25 24.33 -30.15 -4.56
CA ARG D 25 23.33 -29.86 -5.58
C ARG D 25 23.43 -28.44 -6.11
N SER D 26 23.86 -27.48 -5.25
CA SER D 26 24.05 -26.07 -5.59
C SER D 26 25.30 -25.87 -6.46
N PHE D 27 26.39 -26.64 -6.17
CA PHE D 27 27.65 -26.60 -6.92
C PHE D 27 27.50 -27.22 -8.30
N SER D 28 26.52 -28.12 -8.49
CA SER D 28 26.24 -28.75 -9.79
C SER D 28 25.62 -27.71 -10.77
N ASP D 29 25.22 -26.51 -10.25
CA ASP D 29 24.61 -25.41 -11.02
C ASP D 29 25.52 -24.16 -11.11
N GLN D 30 26.81 -24.30 -10.70
CA GLN D 30 27.84 -23.25 -10.72
C GLN D 30 28.06 -22.68 -12.14
N PRO D 31 28.18 -23.48 -13.24
CA PRO D 31 28.35 -22.88 -14.59
C PRO D 31 27.08 -22.23 -15.19
N LYS D 32 25.86 -22.57 -14.66
CA LYS D 32 24.56 -22.05 -15.10
C LYS D 32 24.34 -20.53 -14.91
N VAL D 33 24.86 -19.95 -13.80
CA VAL D 33 24.73 -18.52 -13.47
C VAL D 33 25.46 -17.64 -14.49
N THR D 34 24.80 -16.54 -14.94
CA THR D 34 25.40 -15.59 -15.91
C THR D 34 26.69 -15.04 -15.31
N PRO D 35 27.74 -14.77 -16.10
CA PRO D 35 28.99 -14.30 -15.50
C PRO D 35 28.94 -12.84 -15.07
N TRP D 36 29.86 -12.52 -14.15
CA TRP D 36 30.05 -11.21 -13.58
C TRP D 36 30.90 -10.33 -14.52
N PRO D 37 30.37 -9.21 -15.04
CA PRO D 37 31.19 -8.38 -15.95
C PRO D 37 32.28 -7.61 -15.20
N SER D 46 24.28 -3.76 -21.00
CA SER D 46 24.55 -3.01 -19.77
C SER D 46 25.15 -3.90 -18.70
N ALA D 47 26.26 -3.42 -18.09
CA ALA D 47 27.00 -4.12 -17.03
C ALA D 47 26.20 -4.16 -15.74
N SER D 48 25.50 -3.06 -15.41
CA SER D 48 24.65 -2.92 -14.23
C SER D 48 23.57 -3.98 -14.19
N GLN D 49 22.89 -4.18 -15.34
CA GLN D 49 21.82 -5.16 -15.49
C GLN D 49 22.38 -6.58 -15.42
N GLN D 50 23.63 -6.79 -15.87
CA GLN D 50 24.29 -8.09 -15.80
C GLN D 50 24.64 -8.39 -14.36
N ARG D 51 25.22 -7.39 -13.67
CA ARG D 51 25.60 -7.47 -12.26
C ARG D 51 24.38 -7.80 -11.39
N PHE D 52 23.22 -7.16 -11.70
CA PHE D 52 21.96 -7.37 -11.02
C PHE D 52 21.39 -8.80 -11.24
N ALA D 53 21.39 -9.29 -12.49
CA ALA D 53 20.90 -10.63 -12.84
C ALA D 53 21.72 -11.73 -12.16
N HIS D 54 23.05 -11.54 -12.08
CA HIS D 54 24.00 -12.45 -11.48
C HIS D 54 23.59 -12.70 -10.03
N PHE D 55 23.34 -11.61 -9.28
CA PHE D 55 22.90 -11.66 -7.88
C PHE D 55 21.50 -12.25 -7.75
N THR D 56 20.63 -11.99 -8.74
CA THR D 56 19.27 -12.50 -8.84
C THR D 56 19.37 -14.05 -8.94
N GLU D 57 20.30 -14.54 -9.77
CA GLU D 57 20.59 -15.95 -10.02
C GLU D 57 21.21 -16.64 -8.82
N LEU D 58 22.07 -15.95 -8.07
CA LEU D 58 22.68 -16.52 -6.85
C LEU D 58 21.62 -16.66 -5.73
N ALA D 59 20.68 -15.70 -5.65
CA ALA D 59 19.58 -15.74 -4.69
C ALA D 59 18.63 -16.94 -4.98
N ILE D 60 18.40 -17.26 -6.28
CA ILE D 60 17.58 -18.38 -6.74
C ILE D 60 18.21 -19.69 -6.29
N ILE D 61 19.57 -19.81 -6.40
CA ILE D 61 20.33 -20.99 -5.97
C ILE D 61 20.15 -21.15 -4.46
N SER D 62 20.28 -20.04 -3.72
CA SER D 62 20.09 -20.02 -2.28
C SER D 62 18.70 -20.50 -1.85
N VAL D 63 17.60 -19.96 -2.45
CA VAL D 63 16.20 -20.35 -2.17
C VAL D 63 16.05 -21.87 -2.32
N GLN D 64 16.42 -22.38 -3.49
CA GLN D 64 16.34 -23.80 -3.81
C GLN D 64 17.11 -24.65 -2.79
N GLU D 65 18.32 -24.20 -2.38
CA GLU D 65 19.17 -24.86 -1.37
C GLU D 65 18.46 -24.86 -0.01
N ILE D 66 17.80 -23.71 0.34
CA ILE D 66 17.06 -23.49 1.59
C ILE D 66 15.81 -24.39 1.66
N VAL D 67 15.03 -24.47 0.56
CA VAL D 67 13.83 -25.32 0.48
C VAL D 67 14.27 -26.76 0.71
N ASP D 68 15.26 -27.22 -0.08
CA ASP D 68 15.83 -28.56 -0.02
C ASP D 68 16.39 -28.93 1.34
N PHE D 69 17.03 -27.98 2.05
CA PHE D 69 17.55 -28.26 3.39
C PHE D 69 16.42 -28.49 4.39
N ALA D 70 15.40 -27.61 4.38
CA ALA D 70 14.22 -27.68 5.25
C ALA D 70 13.53 -29.03 5.08
N LYS D 71 13.45 -29.55 3.82
CA LYS D 71 12.86 -30.84 3.49
C LYS D 71 13.50 -31.94 4.33
N GLN D 72 14.83 -31.86 4.58
CA GLN D 72 15.55 -32.85 5.38
C GLN D 72 15.68 -32.50 6.86
N VAL D 73 15.07 -31.39 7.31
CA VAL D 73 15.10 -31.05 8.74
C VAL D 73 14.03 -31.92 9.41
N PRO D 74 14.39 -32.85 10.33
CA PRO D 74 13.35 -33.70 10.93
C PRO D 74 12.21 -32.93 11.60
N GLY D 75 11.00 -33.24 11.16
CA GLY D 75 9.77 -32.62 11.67
C GLY D 75 9.07 -31.72 10.67
N PHE D 76 9.86 -31.02 9.83
CA PHE D 76 9.36 -30.11 8.80
C PHE D 76 8.34 -30.75 7.85
N LEU D 77 8.61 -32.00 7.39
CA LEU D 77 7.70 -32.67 6.45
C LEU D 77 6.41 -33.21 7.07
N GLN D 78 6.36 -33.31 8.41
CA GLN D 78 5.16 -33.77 9.14
C GLN D 78 4.09 -32.65 9.21
N LEU D 79 4.48 -31.38 8.93
CA LEU D 79 3.59 -30.22 8.91
C LEU D 79 2.78 -30.17 7.61
N GLY D 80 1.71 -29.36 7.60
CA GLY D 80 0.88 -29.14 6.43
C GLY D 80 1.64 -28.31 5.40
N ARG D 81 1.35 -28.51 4.10
CA ARG D 81 2.04 -27.78 3.01
C ARG D 81 1.94 -26.26 3.12
N GLU D 82 0.78 -25.75 3.57
CA GLU D 82 0.53 -24.33 3.77
C GLU D 82 1.50 -23.74 4.82
N ASP D 83 1.69 -24.47 5.94
CA ASP D 83 2.59 -24.09 7.03
C ASP D 83 4.07 -24.15 6.60
N GLN D 84 4.43 -25.15 5.79
CA GLN D 84 5.76 -25.32 5.23
C GLN D 84 6.08 -24.08 4.37
N ILE D 85 5.08 -23.59 3.61
CA ILE D 85 5.19 -22.39 2.75
C ILE D 85 5.29 -21.15 3.62
N ALA D 86 4.41 -21.03 4.62
CA ALA D 86 4.39 -19.93 5.58
C ALA D 86 5.80 -19.79 6.21
N LEU D 87 6.31 -20.87 6.84
CA LEU D 87 7.63 -20.91 7.47
C LEU D 87 8.78 -20.55 6.55
N LEU D 88 8.73 -21.05 5.32
CA LEU D 88 9.78 -20.78 4.34
C LEU D 88 9.73 -19.38 3.77
N LYS D 89 8.54 -18.81 3.58
CA LYS D 89 8.40 -17.46 3.03
C LYS D 89 8.97 -16.38 3.96
N ALA D 90 8.77 -16.54 5.27
CA ALA D 90 9.21 -15.60 6.29
C ALA D 90 10.65 -15.80 6.74
N SER D 91 11.19 -17.03 6.57
CA SER D 91 12.56 -17.29 7.02
C SER D 91 13.63 -17.32 5.92
N THR D 92 13.25 -17.51 4.64
CA THR D 92 14.20 -17.55 3.52
C THR D 92 15.23 -16.42 3.54
N ILE D 93 14.80 -15.14 3.58
CA ILE D 93 15.76 -14.04 3.61
C ILE D 93 16.67 -14.13 4.83
N GLU D 94 16.09 -14.48 5.99
CA GLU D 94 16.82 -14.61 7.25
C GLU D 94 17.91 -15.68 7.13
N ILE D 95 17.56 -16.85 6.51
CA ILE D 95 18.47 -17.97 6.27
C ILE D 95 19.52 -17.56 5.22
N MET D 96 19.10 -16.83 4.17
CA MET D 96 19.96 -16.32 3.09
C MET D 96 21.05 -15.44 3.69
N LEU D 97 20.70 -14.63 4.72
CA LEU D 97 21.63 -13.76 5.41
C LEU D 97 22.58 -14.53 6.29
N LEU D 98 22.14 -15.64 6.90
CA LEU D 98 22.99 -16.49 7.75
C LEU D 98 24.05 -17.18 6.88
N GLU D 99 23.65 -17.56 5.65
CA GLU D 99 24.52 -18.19 4.66
C GLU D 99 25.48 -17.19 4.06
N THR D 100 25.07 -15.90 4.00
CA THR D 100 25.88 -14.79 3.51
C THR D 100 26.97 -14.52 4.55
N ALA D 101 26.58 -14.33 5.84
CA ALA D 101 27.46 -14.08 6.98
C ALA D 101 28.47 -15.22 7.23
N ARG D 102 28.06 -16.45 6.94
CA ARG D 102 28.88 -17.65 7.10
C ARG D 102 30.09 -17.60 6.15
N ARG D 103 29.93 -16.92 5.01
CA ARG D 103 30.93 -16.82 3.95
C ARG D 103 31.67 -15.47 3.92
N TYR D 104 31.61 -14.75 5.05
CA TYR D 104 32.31 -13.48 5.18
C TYR D 104 33.70 -13.77 5.70
N ASN D 105 34.69 -13.21 5.02
CA ASN D 105 36.09 -13.33 5.39
C ASN D 105 36.49 -11.99 6.02
N HIS D 106 36.88 -11.96 7.31
CA HIS D 106 37.23 -10.69 7.93
C HIS D 106 38.56 -10.06 7.43
N GLU D 107 39.49 -10.88 6.92
CA GLU D 107 40.77 -10.39 6.38
C GLU D 107 40.58 -9.66 5.05
N THR D 108 39.76 -10.23 4.14
CA THR D 108 39.49 -9.61 2.83
C THR D 108 38.25 -8.70 2.85
N GLU D 109 37.39 -8.81 3.89
CA GLU D 109 36.11 -8.06 4.07
C GLU D 109 35.15 -8.38 2.91
N CYS D 110 35.25 -9.62 2.42
CA CYS D 110 34.47 -10.14 1.32
C CYS D 110 33.64 -11.33 1.66
N ILE D 111 32.57 -11.50 0.89
CA ILE D 111 31.64 -12.62 0.97
C ILE D 111 31.89 -13.46 -0.28
N THR D 112 32.09 -14.77 -0.09
CA THR D 112 32.32 -15.70 -1.20
C THR D 112 31.10 -16.57 -1.41
N PHE D 113 30.47 -16.42 -2.57
CA PHE D 113 29.30 -17.20 -2.94
C PHE D 113 29.82 -18.35 -3.77
N LEU D 114 29.18 -19.52 -3.66
CA LEU D 114 29.61 -20.73 -4.38
C LEU D 114 31.11 -20.99 -4.10
N LYS D 115 31.96 -21.14 -5.13
CA LYS D 115 33.38 -21.39 -4.84
C LYS D 115 34.27 -20.16 -4.99
N ASP D 116 34.05 -19.39 -6.05
CA ASP D 116 34.88 -18.22 -6.39
C ASP D 116 34.11 -16.92 -6.69
N PHE D 117 32.91 -16.76 -6.14
CA PHE D 117 32.16 -15.53 -6.36
C PHE D 117 32.39 -14.61 -5.14
N THR D 118 33.60 -14.02 -5.10
CA THR D 118 34.11 -13.16 -4.04
C THR D 118 33.72 -11.69 -4.27
N TYR D 119 32.80 -11.19 -3.43
CA TYR D 119 32.27 -9.83 -3.51
C TYR D 119 32.41 -9.02 -2.21
N SER D 120 32.79 -7.76 -2.36
CA SER D 120 32.97 -6.76 -1.30
C SER D 120 31.74 -5.82 -1.25
N LYS D 121 31.72 -4.87 -0.28
CA LYS D 121 30.64 -3.87 -0.12
C LYS D 121 30.34 -3.14 -1.43
N ASP D 122 31.39 -2.80 -2.20
CA ASP D 122 31.30 -2.11 -3.49
C ASP D 122 30.65 -2.95 -4.57
N ASP D 123 31.02 -4.23 -4.70
CA ASP D 123 30.45 -5.16 -5.68
C ASP D 123 28.95 -5.31 -5.46
N PHE D 124 28.54 -5.30 -4.17
CA PHE D 124 27.15 -5.38 -3.72
C PHE D 124 26.39 -4.16 -4.23
N HIS D 125 27.06 -2.98 -4.23
CA HIS D 125 26.52 -1.71 -4.70
C HIS D 125 26.41 -1.72 -6.23
N ARG D 126 27.39 -2.33 -6.93
CA ARG D 126 27.42 -2.43 -8.39
C ARG D 126 26.33 -3.40 -8.88
N ALA D 127 25.94 -4.38 -8.03
CA ALA D 127 24.89 -5.37 -8.31
C ALA D 127 23.48 -4.73 -8.14
N GLY D 128 23.47 -3.44 -7.76
CA GLY D 128 22.25 -2.64 -7.59
C GLY D 128 21.60 -2.65 -6.23
N LEU D 129 22.39 -2.85 -5.15
CA LEU D 129 21.86 -2.86 -3.80
C LEU D 129 22.05 -1.51 -3.12
N GLN D 130 21.06 -1.09 -2.32
CA GLN D 130 21.12 0.18 -1.60
C GLN D 130 22.03 0.06 -0.38
N VAL D 131 22.78 1.14 -0.11
CA VAL D 131 23.71 1.25 1.02
C VAL D 131 22.99 0.90 2.36
N GLU D 132 21.69 1.27 2.49
CA GLU D 132 20.85 1.00 3.66
C GLU D 132 20.62 -0.50 3.88
N PHE D 133 20.93 -1.34 2.87
CA PHE D 133 20.78 -2.79 2.96
C PHE D 133 22.17 -3.46 3.09
N ILE D 134 23.18 -2.93 2.36
CA ILE D 134 24.55 -3.45 2.36
C ILE D 134 25.17 -3.31 3.74
N ASN D 135 25.21 -2.09 4.30
CA ASN D 135 25.79 -1.86 5.63
C ASN D 135 25.19 -2.84 6.67
N PRO D 136 23.84 -2.97 6.86
CA PRO D 136 23.31 -3.99 7.80
C PRO D 136 23.73 -5.45 7.51
N ILE D 137 23.91 -5.82 6.21
CA ILE D 137 24.34 -7.14 5.73
C ILE D 137 25.78 -7.37 6.21
N PHE D 138 26.68 -6.40 5.93
CA PHE D 138 28.09 -6.49 6.29
C PHE D 138 28.33 -6.29 7.79
N GLU D 139 27.48 -5.53 8.49
CA GLU D 139 27.66 -5.38 9.93
C GLU D 139 27.32 -6.71 10.60
N PHE D 140 26.22 -7.35 10.17
CA PHE D 140 25.76 -8.65 10.66
C PHE D 140 26.81 -9.73 10.35
N SER D 141 27.44 -9.64 9.16
CA SER D 141 28.47 -10.59 8.74
C SER D 141 29.66 -10.52 9.70
N ARG D 142 30.09 -9.28 10.08
CA ARG D 142 31.18 -9.03 11.00
C ARG D 142 30.85 -9.55 12.38
N ALA D 143 29.62 -9.28 12.85
CA ALA D 143 29.11 -9.70 14.15
C ALA D 143 29.07 -11.23 14.27
N MET D 144 28.67 -11.95 13.19
CA MET D 144 28.63 -13.43 13.14
C MET D 144 30.06 -14.01 13.03
N ARG D 145 30.98 -13.24 12.40
CA ARG D 145 32.40 -13.61 12.28
C ARG D 145 33.01 -13.59 13.69
N ARG D 146 32.77 -12.49 14.47
CA ARG D 146 33.23 -12.31 15.84
C ARG D 146 32.78 -13.45 16.71
N LEU D 147 31.59 -13.99 16.43
CA LEU D 147 31.03 -15.10 17.16
C LEU D 147 31.77 -16.41 16.86
N GLY D 148 32.23 -16.57 15.61
CA GLY D 148 32.97 -17.74 15.16
C GLY D 148 32.26 -19.04 15.44
N LEU D 149 31.13 -19.25 14.77
CA LEU D 149 30.31 -20.45 14.93
C LEU D 149 30.82 -21.52 14.02
N ASP D 150 30.59 -22.80 14.38
CA ASP D 150 30.97 -23.89 13.51
C ASP D 150 29.75 -24.30 12.67
N ASP D 151 29.93 -25.29 11.78
CA ASP D 151 28.90 -25.77 10.89
C ASP D 151 27.72 -26.42 11.62
N ALA D 152 27.95 -26.99 12.81
CA ALA D 152 26.91 -27.59 13.62
C ALA D 152 26.02 -26.49 14.20
N GLU D 153 26.61 -25.37 14.67
CA GLU D 153 25.89 -24.22 15.24
C GLU D 153 25.03 -23.52 14.18
N TYR D 154 25.60 -23.28 12.99
CA TYR D 154 24.91 -22.68 11.85
C TYR D 154 23.68 -23.52 11.45
N ALA D 155 23.85 -24.85 11.31
CA ALA D 155 22.76 -25.77 10.96
C ALA D 155 21.63 -25.75 11.99
N LEU D 156 21.97 -25.79 13.31
CA LEU D 156 20.99 -25.75 14.42
C LEU D 156 20.18 -24.46 14.41
N LEU D 157 20.86 -23.31 14.24
CA LEU D 157 20.30 -21.98 14.20
C LEU D 157 19.35 -21.80 13.04
N ILE D 158 19.66 -22.41 11.87
CA ILE D 158 18.78 -22.37 10.70
C ILE D 158 17.47 -23.11 11.05
N ALA D 159 17.57 -24.38 11.56
CA ALA D 159 16.39 -25.13 11.97
C ALA D 159 15.56 -24.31 12.95
N ILE D 160 16.22 -23.69 13.97
CA ILE D 160 15.53 -22.87 14.97
C ILE D 160 14.73 -21.77 14.29
N ASN D 161 15.38 -21.04 13.37
CA ASN D 161 14.79 -19.96 12.60
C ASN D 161 13.59 -20.43 11.76
N ILE D 162 13.66 -21.62 11.15
CA ILE D 162 12.56 -22.14 10.33
C ILE D 162 11.35 -22.39 11.23
N PHE D 163 11.56 -23.08 12.36
CA PHE D 163 10.45 -23.36 13.26
C PHE D 163 10.07 -22.16 14.17
N SER D 164 9.75 -21.02 13.57
CA SER D 164 9.31 -19.87 14.37
C SER D 164 7.76 -19.81 14.31
N ALA D 165 7.09 -20.14 15.42
CA ALA D 165 5.62 -20.19 15.55
C ALA D 165 4.88 -18.86 15.29
N ASP D 166 5.57 -17.72 15.45
CA ASP D 166 5.02 -16.38 15.28
C ASP D 166 4.91 -15.87 13.83
N ARG D 167 5.42 -16.61 12.84
CA ARG D 167 5.36 -16.22 11.41
C ARG D 167 3.92 -15.99 10.92
N PRO D 168 3.67 -15.07 9.94
CA PRO D 168 2.29 -14.87 9.46
C PRO D 168 1.75 -16.09 8.75
N ASN D 169 0.43 -16.26 8.84
CA ASN D 169 -0.38 -17.29 8.17
C ASN D 169 -0.01 -18.76 8.56
N VAL D 170 0.51 -18.94 9.79
CA VAL D 170 0.87 -20.24 10.37
C VAL D 170 -0.43 -20.78 11.02
N GLN D 171 -0.95 -21.91 10.52
CA GLN D 171 -2.19 -22.52 11.01
C GLN D 171 -2.02 -23.44 12.23
N GLU D 172 -0.78 -23.84 12.58
CA GLU D 172 -0.54 -24.72 13.74
C GLU D 172 0.64 -24.24 14.61
N PRO D 173 0.48 -23.12 15.36
CA PRO D 173 1.60 -22.60 16.18
C PRO D 173 2.19 -23.56 17.23
N GLY D 174 1.33 -24.35 17.88
CA GLY D 174 1.73 -25.32 18.89
C GLY D 174 2.67 -26.38 18.35
N ARG D 175 2.44 -26.83 17.10
CA ARG D 175 3.25 -27.87 16.44
C ARG D 175 4.60 -27.32 16.04
N VAL D 176 4.64 -26.02 15.62
CA VAL D 176 5.84 -25.31 15.21
C VAL D 176 6.72 -25.06 16.44
N GLU D 177 6.15 -24.56 17.55
CA GLU D 177 6.91 -24.34 18.79
C GLU D 177 7.42 -25.68 19.34
N ALA D 178 6.58 -26.76 19.25
CA ALA D 178 6.91 -28.11 19.69
C ALA D 178 8.14 -28.65 18.95
N LEU D 179 8.30 -28.26 17.67
CA LEU D 179 9.43 -28.65 16.82
C LEU D 179 10.65 -27.77 17.11
N GLN D 180 10.46 -26.48 17.43
CA GLN D 180 11.57 -25.58 17.72
C GLN D 180 12.28 -25.93 19.03
N GLN D 181 11.51 -26.27 20.10
CA GLN D 181 12.09 -26.58 21.42
C GLN D 181 13.27 -27.61 21.39
N PRO D 182 13.20 -28.81 20.74
CA PRO D 182 14.37 -29.73 20.75
C PRO D 182 15.63 -29.18 20.11
N TYR D 183 15.49 -28.37 19.04
CA TYR D 183 16.65 -27.78 18.36
C TYR D 183 17.33 -26.76 19.24
N VAL D 184 16.53 -25.94 19.94
CA VAL D 184 16.93 -24.92 20.90
C VAL D 184 17.72 -25.59 22.04
N GLU D 185 17.20 -26.72 22.58
CA GLU D 185 17.80 -27.50 23.65
C GLU D 185 19.13 -28.12 23.21
N ALA D 186 19.17 -28.68 21.98
CA ALA D 186 20.38 -29.26 21.38
C ALA D 186 21.42 -28.14 21.13
N LEU D 187 20.96 -26.93 20.71
CA LEU D 187 21.86 -25.79 20.51
C LEU D 187 22.51 -25.39 21.84
N LEU D 188 21.71 -25.32 22.92
CA LEU D 188 22.18 -24.98 24.26
C LEU D 188 23.31 -25.93 24.66
N SER D 189 23.02 -27.25 24.62
CA SER D 189 23.95 -28.34 24.96
C SER D 189 25.24 -28.30 24.13
N TYR D 190 25.12 -28.27 22.78
CA TYR D 190 26.26 -28.22 21.87
C TYR D 190 27.22 -27.08 22.22
N THR D 191 26.73 -25.82 22.32
CA THR D 191 27.55 -24.65 22.64
C THR D 191 28.20 -24.74 24.03
N ARG D 192 27.43 -25.18 25.06
CA ARG D 192 27.96 -25.28 26.44
C ARG D 192 29.01 -26.40 26.54
N ILE D 193 29.01 -27.34 25.58
CA ILE D 193 30.01 -28.41 25.54
C ILE D 193 31.22 -27.88 24.75
N LYS D 194 30.97 -27.15 23.66
CA LYS D 194 31.99 -26.55 22.82
C LYS D 194 32.77 -25.52 23.63
N ARG D 195 32.13 -24.43 24.11
CA ARG D 195 32.82 -23.41 24.91
C ARG D 195 32.23 -23.29 26.30
N PRO D 196 32.65 -24.14 27.28
CA PRO D 196 32.09 -24.02 28.64
C PRO D 196 32.43 -22.70 29.30
N GLN D 197 33.66 -22.20 29.10
CA GLN D 197 34.18 -20.95 29.65
C GLN D 197 33.34 -19.75 29.23
N ASP D 198 32.82 -19.77 27.98
CA ASP D 198 31.97 -18.70 27.44
C ASP D 198 30.48 -19.05 27.59
N GLN D 199 29.84 -18.62 28.68
CA GLN D 199 28.42 -18.90 28.93
C GLN D 199 27.48 -17.98 28.11
N LEU D 200 28.05 -16.96 27.44
CA LEU D 200 27.36 -15.98 26.61
C LEU D 200 27.19 -16.39 25.13
N ARG D 201 27.83 -17.50 24.69
CA ARG D 201 27.72 -17.98 23.30
C ARG D 201 26.25 -18.14 22.93
N PHE D 202 25.51 -18.91 23.75
CA PHE D 202 24.11 -19.24 23.58
C PHE D 202 23.19 -18.01 23.52
N PRO D 203 23.06 -17.13 24.55
CA PRO D 203 22.19 -15.94 24.41
C PRO D 203 22.59 -15.02 23.25
N ARG D 204 23.89 -15.01 22.88
CA ARG D 204 24.33 -14.18 21.77
C ARG D 204 23.77 -14.72 20.47
N MET D 205 23.72 -16.06 20.34
CA MET D 205 23.20 -16.74 19.15
C MET D 205 21.71 -16.54 18.97
N LEU D 206 20.95 -16.60 20.07
CA LEU D 206 19.50 -16.42 20.02
C LEU D 206 19.15 -14.98 19.67
N MET D 207 19.97 -14.01 20.11
CA MET D 207 19.76 -12.59 19.81
C MET D 207 20.03 -12.25 18.34
N LYS D 208 20.63 -13.20 17.61
CA LYS D 208 20.92 -13.09 16.19
C LYS D 208 19.61 -13.22 15.44
N LEU D 209 18.70 -14.08 15.95
CA LEU D 209 17.35 -14.28 15.41
C LEU D 209 16.55 -12.99 15.47
N VAL D 210 16.80 -12.15 16.48
CA VAL D 210 16.15 -10.85 16.66
C VAL D 210 16.68 -9.89 15.56
N SER D 211 18.01 -9.83 15.37
CA SER D 211 18.66 -8.98 14.37
C SER D 211 18.10 -9.30 13.00
N LEU D 212 17.92 -10.61 12.71
CA LEU D 212 17.36 -11.14 11.50
C LEU D 212 15.98 -10.58 11.19
N ARG D 213 15.15 -10.36 12.22
CA ARG D 213 13.83 -9.76 12.02
C ARG D 213 13.99 -8.35 11.47
N THR D 214 14.94 -7.56 12.03
CA THR D 214 15.20 -6.20 11.57
C THR D 214 15.75 -6.24 10.14
N LEU D 215 16.70 -7.14 9.90
CA LEU D 215 17.36 -7.38 8.62
C LEU D 215 16.34 -7.69 7.57
N SER D 216 15.39 -8.58 7.90
CA SER D 216 14.28 -8.96 7.02
C SER D 216 13.43 -7.75 6.66
N SER D 217 13.25 -6.80 7.62
CA SER D 217 12.47 -5.58 7.41
C SER D 217 13.24 -4.57 6.53
N VAL D 218 14.58 -4.60 6.58
CA VAL D 218 15.47 -3.73 5.82
C VAL D 218 15.51 -4.19 4.36
N HIS D 219 15.26 -5.50 4.16
CA HIS D 219 15.18 -6.13 2.87
C HIS D 219 13.84 -5.75 2.24
N SER D 220 12.80 -5.58 3.05
CA SER D 220 11.51 -5.15 2.51
C SER D 220 11.65 -3.73 1.94
N GLU D 221 12.42 -2.87 2.62
CA GLU D 221 12.70 -1.50 2.19
C GLU D 221 13.44 -1.49 0.84
N GLN D 222 14.37 -2.46 0.64
CA GLN D 222 15.18 -2.66 -0.56
C GLN D 222 14.30 -3.04 -1.75
N VAL D 223 13.36 -3.97 -1.53
CA VAL D 223 12.39 -4.46 -2.51
C VAL D 223 11.57 -3.24 -3.02
N PHE D 224 11.08 -2.42 -2.08
CA PHE D 224 10.33 -1.20 -2.34
C PHE D 224 11.18 -0.27 -3.23
N ALA D 225 12.52 -0.16 -2.94
CA ALA D 225 13.47 0.63 -3.69
C ALA D 225 13.63 0.08 -5.14
N LEU D 226 13.61 -1.26 -5.33
CA LEU D 226 13.72 -1.91 -6.63
C LEU D 226 12.53 -1.57 -7.52
N ARG D 227 11.29 -1.55 -6.95
CA ARG D 227 10.04 -1.22 -7.65
C ARG D 227 10.14 0.23 -8.12
N LEU D 228 10.64 1.12 -7.25
CA LEU D 228 10.84 2.52 -7.59
C LEU D 228 11.81 2.60 -8.80
N GLN D 229 12.81 1.68 -8.87
CA GLN D 229 13.79 1.61 -9.95
C GLN D 229 13.30 0.79 -11.14
N ASP D 230 12.10 0.15 -11.02
CA ASP D 230 11.45 -0.71 -12.04
C ASP D 230 12.29 -1.94 -12.36
N LYS D 231 12.90 -2.52 -11.32
CA LYS D 231 13.73 -3.71 -11.47
C LYS D 231 12.81 -4.90 -11.33
N LYS D 232 12.88 -5.84 -12.28
CA LYS D 232 12.02 -7.03 -12.28
C LYS D 232 12.71 -8.20 -11.56
N LEU D 233 12.03 -8.74 -10.54
CA LEU D 233 12.56 -9.89 -9.81
C LEU D 233 11.98 -11.15 -10.44
N PRO D 234 12.76 -12.25 -10.60
CA PRO D 234 12.19 -13.48 -11.19
C PRO D 234 10.99 -14.00 -10.40
N PRO D 235 10.11 -14.80 -11.06
CA PRO D 235 8.89 -15.29 -10.38
C PRO D 235 9.05 -15.93 -8.99
N LEU D 236 10.15 -16.66 -8.75
CA LEU D 236 10.43 -17.33 -7.48
C LEU D 236 10.65 -16.35 -6.34
N LEU D 237 11.51 -15.32 -6.58
CA LEU D 237 11.86 -14.29 -5.60
C LEU D 237 10.65 -13.41 -5.30
N SER D 238 9.88 -13.09 -6.35
CA SER D 238 8.67 -12.30 -6.31
C SER D 238 7.60 -13.02 -5.49
N GLU D 239 7.47 -14.36 -5.66
CA GLU D 239 6.51 -15.18 -4.93
C GLU D 239 6.78 -15.13 -3.43
N ILE D 240 7.96 -15.61 -3.02
CA ILE D 240 8.40 -15.67 -1.62
C ILE D 240 8.42 -14.31 -0.91
N TRP D 241 8.73 -13.22 -1.64
CA TRP D 241 8.80 -11.89 -1.03
C TRP D 241 7.57 -10.97 -1.34
N ASP D 242 6.55 -11.48 -2.09
CA ASP D 242 5.30 -10.76 -2.45
C ASP D 242 5.59 -9.40 -3.09
N VAL D 243 6.26 -9.42 -4.25
CA VAL D 243 6.70 -8.20 -4.95
C VAL D 243 5.84 -7.74 -6.13
N HIS D 244 5.77 -8.50 -7.23
CA HIS D 244 5.04 -8.07 -8.42
C HIS D 244 3.65 -8.71 -8.61
N GLU D 245 2.70 -8.01 -9.26
CA GLU D 245 1.38 -8.61 -9.51
C GLU D 245 1.57 -9.83 -10.41
N GLY D 246 0.88 -10.92 -10.05
CA GLY D 246 0.98 -12.19 -10.74
C GLY D 246 1.77 -13.16 -9.88
N SER D 247 3.11 -13.20 -10.07
CA SER D 247 4.07 -14.02 -9.32
C SER D 247 3.98 -13.74 -7.81
N GLY D 248 3.93 -12.45 -7.45
CA GLY D 248 3.87 -11.95 -6.08
C GLY D 248 2.63 -12.29 -5.27
N SER D 249 1.61 -12.92 -5.93
CA SER D 249 0.35 -13.36 -5.33
C SER D 249 0.33 -14.90 -5.11
N GLY D 250 1.33 -15.58 -5.66
CA GLY D 250 1.51 -17.03 -5.58
C GLY D 250 0.78 -17.83 -6.64
N SER D 251 0.50 -17.20 -7.81
CA SER D 251 -0.22 -17.80 -8.94
C SER D 251 0.59 -18.86 -9.71
N HIS D 252 1.92 -18.72 -9.72
CA HIS D 252 2.80 -19.66 -10.43
C HIS D 252 2.93 -20.98 -9.69
N LYS D 253 2.82 -20.94 -8.34
CA LYS D 253 2.90 -22.09 -7.43
C LYS D 253 4.29 -22.75 -7.44
N ILE D 254 5.35 -21.93 -7.53
CA ILE D 254 6.75 -22.41 -7.53
C ILE D 254 7.12 -23.05 -6.18
N LEU D 255 6.78 -22.40 -5.05
CA LEU D 255 7.10 -22.94 -3.74
C LEU D 255 6.38 -24.25 -3.48
N HIS D 256 5.20 -24.46 -4.09
CA HIS D 256 4.43 -25.69 -3.97
C HIS D 256 5.22 -26.77 -4.73
N ARG D 257 5.65 -26.43 -5.97
CA ARG D 257 6.44 -27.27 -6.88
C ARG D 257 7.80 -27.70 -6.30
N LEU D 258 8.48 -26.80 -5.53
CA LEU D 258 9.78 -27.13 -4.95
C LEU D 258 9.62 -28.06 -3.74
N LEU D 259 8.53 -27.92 -2.96
CA LEU D 259 8.24 -28.80 -1.83
C LEU D 259 7.71 -30.16 -2.35
N GLN D 260 7.15 -30.18 -3.58
CA GLN D 260 6.60 -31.36 -4.25
C GLN D 260 7.70 -31.99 -5.10
N ASP D 261 8.16 -33.19 -4.71
CA ASP D 261 9.22 -34.00 -5.36
C ASP D 261 10.31 -33.15 -6.08
#